data_2CF2
#
_entry.id   2CF2
#
_cell.length_a   96.100
_cell.length_b   245.000
_cell.length_c   134.100
_cell.angle_alpha   90.00
_cell.angle_beta   101.20
_cell.angle_gamma   90.00
#
_symmetry.space_group_name_H-M   'P 1 21 1'
#
loop_
_entity.id
_entity.type
_entity.pdbx_description
1 polymer 'FATTY ACID SYNTHASE, KS DOMAIN'
2 polymer 'FATTY ACID SYNTHASE, MAT DOMAIN'
3 polymer 'FATTY ACID SYNTHASE, DH DOMAIN'
4 polymer 'FATTY ACID SYNTHASE, ER DOMAIN'
5 polymer 'FATTY ACID SYNTHASE, KR DOMAIN'
#
loop_
_entity_poly.entity_id
_entity_poly.type
_entity_poly.pdbx_seq_one_letter_code
_entity_poly.pdbx_strand_id
1 'polypeptide(L)'
;MKRVVITGLGIVSSIGNNQQEVLASLREGRSGITFSQELKDSGMRSHVWGNVKLDTTGLIDRKVVRFMSDASIYAFLSME
QAIADAGLSPEAYQNNPRVGLIAGSGGGSPRFQVFGADAMRGPRGLKAVGPYVVTKAMASGVSACLATPFKIHGVNYSIS
SASATSAHCIGNAVEQIQLGKQDIVFAGGGEELCWEMACEFDAMGALSTKYNDTPEKASRTYDAHRDGFVIAGGGGMVVV
EELEHALARGAHIYAEIVGYGATSDGADMVAPSGEGAVRCMKMAMHGVDTPIDYLNSHGTSTPVGDVKELAAIREVFGDK
SPAISATKAMTGHSLGAAGVQEAIYSLLMLEHGFIAPSINIEELDEQAAGLNIVTETTDRELTTVMSNSFGFGGTNATLV
MRKLKD
;
A,J
2 'polypeptide(L)'
;MLVLVAPGQGAQTPGFLTDWLALPGAADRVAAWSDAIGLDLAHFGTKADADEIRDTSVAQPLLVAAGILSAAALGTGFTP
GAVAGHSVGEITAAVFAGVLDDTAALSLVRRRGLAMAEAAAVTETGMSALLGGDPEVSVAHLERLGLTPANVNGAGQIVA
AGTMEQLAALNEDKPEGVRKVVPLKVAGAFHTRHMAPAVDKLAEAAKALTPADPKVTYVSNKDGRAVASGTEVLDRLVGQ
VANPVRWDLCMETFKELGVTAIIEVCPGGTLTGLAKRALPGVKTLALKTPDDLDAARELVAEHT
;
B,K
3 'polypeptide(L)'
;VDKRESYTKEDLLASGRGELFGAKGPQLPAPNMLMMDRVVKMTETGGNFDKGYVEAELDINPDLWFFGCHFIGDPVMPGC
LGLDAMWQLVGFYLGWLGGEGKGRALGVGEVKFTGQVLPTAKKVTYRIHFKRIVNRRLIMGLADGEVLVDGRLIYTASDL
KVGLFQDTSAFVDKRESYTKEDLLASGRGELFGAKGPQLPAPNMLMMDRVVKMTETGGNFDKGYVEAELDINPDLWFFGC
HFIGDPVMPGCLGLDAMWQLVGFYLGWLGGEGKGRALGVGEVKFTGQVLPTAKKVTYRIHFKRIVNRRLIMGLADGEVLV
DGRLIYTASDLKVGLFQDTSAF
;
C,L
4 'polypeptide(L)'
;MKAWVLKRLGGPLELVDLPEPEAEEGEVVLRVEAVGLNFADHLMRLGAYLTRLHPPFIPGMEVVGVVEGRRYAALVPQGG
LAERVAVPKGALLPLPEGLSPEEAAAFPVSFLTAYLALKRAQARPGEKVLVQAAAGALGTAAVQVARAMGLRVLAAASRP
EKLALPLALGAEEAATYAEVPERAKAWGGLDLVLEVRGKEVEESLGLLAHGGRLVYIAPIPPLRLMRRNLAVLGFWLTPL
LREGALVEEALGFLLPRLGRELRPVVGPVFPFAEAEAAFRALLDRGHTGKVVVRL
;
D,M
5 'polypeptide(L)'
;MNFEGKIALVTGASRGIGRAIAETLAARGAKVIGTATSENGAQAISDYLGANGKGLMLNVTDPASIESVLEKIRAEFGEV
DILVNNAGITRDNLLMRMKDEEWNDIIETNLSSVFRLSKAVMRAMMKKRHGRIITIGGQANYAAAKAGLIGFSKSLAREV
ASRGITVNVVAPGFIETSDDQRAGILAQVPAGRLGGAQEIANAVAFLASDEAAYITGETLHVNGGM
;
E,N
#
# COMPACT_ATOMS: atom_id res chain seq x y z
CA MET A 1 -10.33 54.84 8.39
CA LYS A 2 -7.75 54.34 5.64
CA ARG A 3 -9.09 53.61 2.15
CA VAL A 4 -7.96 50.46 0.33
CA VAL A 5 -7.30 49.69 -3.34
CA ILE A 6 -6.02 46.89 -5.58
CA THR A 7 -2.96 47.90 -7.60
CA GLY A 8 -1.85 44.63 -9.15
CA LEU A 9 -2.96 41.10 -9.90
CA GLY A 10 -1.60 37.72 -10.91
CA ILE A 11 -3.29 34.51 -11.88
CA VAL A 12 -2.76 30.93 -13.03
CA SER A 13 -6.06 29.21 -13.75
CA SER A 14 -7.86 26.65 -15.87
CA ILE A 15 -8.74 29.38 -18.39
CA GLY A 16 -5.42 31.20 -18.58
CA ASN A 17 -1.85 31.46 -17.32
CA ASN A 18 -1.92 35.26 -16.95
CA GLN A 19 -4.48 38.06 -17.11
CA GLN A 20 -4.29 38.38 -20.91
CA GLU A 21 -5.33 34.76 -21.51
CA VAL A 22 -7.92 34.89 -18.74
CA LEU A 23 -9.46 38.04 -20.26
CA ALA A 24 -9.69 36.42 -23.71
CA SER A 25 -11.31 33.31 -22.22
CA LEU A 26 -13.86 35.34 -20.24
CA ARG A 27 -14.90 37.30 -23.34
CA GLU A 28 -15.17 34.17 -25.50
CA GLY A 29 -16.95 32.17 -22.81
CA ARG A 30 -14.31 29.47 -23.18
CA SER A 31 -14.28 26.43 -20.90
CA GLY A 32 -11.15 25.29 -19.10
CA ILE A 33 -12.52 21.85 -18.26
CA THR A 34 -10.84 18.77 -19.73
CA PHE A 35 -11.00 14.98 -19.37
CA SER A 36 -8.66 13.59 -16.69
CA GLN A 37 -7.06 10.17 -17.12
CA GLU A 38 -5.64 10.55 -13.59
CA LEU A 39 -9.06 10.82 -11.99
CA LYS A 40 -10.47 7.96 -14.07
CA ASP A 41 -7.50 5.72 -13.25
CA SER A 42 -7.88 6.43 -9.52
CA GLY A 43 -11.30 4.78 -9.54
CA MET A 44 -13.40 7.95 -9.36
CA ARG A 45 -16.79 8.50 -11.03
CA SER A 46 -16.00 12.10 -11.93
CA HIS A 47 -13.43 12.22 -14.77
CA VAL A 48 -13.27 15.95 -15.49
CA TRP A 49 -11.30 18.82 -14.00
CA GLY A 50 -10.17 22.40 -14.44
CA ASN A 51 -6.43 21.89 -14.79
CA VAL A 52 -3.65 24.44 -15.13
CA LYS A 53 -2.28 24.05 -18.66
CA LEU A 54 1.27 25.14 -17.91
CA ASP A 55 4.58 23.32 -17.53
CA THR A 56 6.02 24.84 -14.35
CA THR A 57 9.39 23.13 -14.75
CA GLY A 58 12.27 25.51 -14.12
CA LEU A 59 9.98 28.50 -13.57
CA ILE A 60 11.11 28.72 -9.95
CA ASP A 61 14.63 28.48 -8.52
CA ARG A 62 15.68 24.97 -7.45
CA LYS A 63 16.51 25.96 -3.88
CA VAL A 64 13.16 27.70 -3.45
CA VAL A 65 10.83 25.23 -5.17
CA ARG A 66 12.19 22.27 -3.19
CA PHE A 67 10.05 23.42 -0.23
CA MET A 68 6.83 23.83 -2.22
CA SER A 69 3.72 21.87 -3.16
CA ASP A 70 1.63 22.81 -6.23
CA ALA A 71 -0.62 25.21 -4.33
CA SER A 72 2.45 27.22 -3.35
CA ILE A 73 3.86 27.03 -6.88
CA TYR A 74 0.66 28.45 -8.42
CA ALA A 75 0.49 31.20 -5.78
CA PHE A 76 4.18 32.00 -6.22
CA LEU A 77 3.83 32.45 -9.98
CA SER A 78 0.73 34.57 -9.40
CA MET A 79 2.64 36.78 -6.98
CA GLU A 80 5.45 37.31 -9.50
CA GLN A 81 2.82 38.46 -11.98
CA ALA A 82 1.18 40.70 -9.40
CA ILE A 83 4.50 42.35 -8.44
CA ALA A 84 5.29 43.18 -12.07
CA ASP A 85 1.74 44.36 -12.72
CA ALA A 86 1.86 46.61 -9.63
CA GLY A 87 5.12 48.14 -10.80
CA LEU A 88 6.91 47.30 -7.56
CA SER A 89 10.67 46.81 -7.33
CA PRO A 90 12.49 44.68 -4.72
CA GLU A 91 13.57 47.69 -2.68
CA ALA A 92 9.91 48.71 -2.44
CA TYR A 93 8.43 45.53 -0.94
CA GLN A 94 11.39 43.50 0.37
CA ASN A 95 12.70 43.79 3.92
CA ASN A 96 9.90 46.24 4.65
CA PRO A 97 7.98 45.96 7.97
CA ARG A 98 4.99 47.71 6.34
CA VAL A 99 4.54 45.03 3.67
CA GLY A 100 2.92 41.67 4.38
CA LEU A 101 1.34 38.56 2.94
CA ILE A 102 -1.90 36.72 3.70
CA ALA A 103 -2.52 33.73 1.46
CA GLY A 104 -3.86 30.23 1.93
CA SER A 105 -5.23 27.01 0.49
CA GLY A 106 -8.29 24.96 1.32
CA GLY A 107 -6.47 21.68 1.84
CA GLY A 108 -2.72 22.29 2.06
CA SER A 109 -1.27 19.34 0.16
CA PRO A 110 -3.10 15.99 0.29
CA ARG A 111 -0.65 14.68 -2.30
CA PHE A 112 2.45 15.23 -0.17
CA GLN A 113 0.75 14.18 3.04
CA VAL A 114 0.05 10.86 1.33
CA PHE A 115 3.52 10.74 -0.23
CA GLY A 116 5.08 11.03 3.23
CA ALA A 117 2.94 8.24 4.67
CA ASP A 118 3.56 6.01 1.65
CA ALA A 119 7.32 6.60 1.70
CA MET A 120 7.51 5.98 5.43
CA ARG A 121 5.83 2.58 5.02
CA GLY A 122 8.29 1.53 2.32
CA PRO A 123 11.77 -0.12 2.47
CA ARG A 124 13.56 3.19 2.93
CA GLY A 125 11.50 4.75 5.69
CA LEU A 126 12.61 8.22 6.79
CA LYS A 127 15.17 8.43 4.00
CA ALA A 128 12.42 8.12 1.37
CA VAL A 129 10.30 10.74 3.14
CA GLY A 130 13.01 13.37 2.89
CA PRO A 131 13.32 16.69 4.77
CA TYR A 132 10.89 18.77 2.66
CA VAL A 133 7.48 17.27 3.35
CA VAL A 134 6.49 19.50 6.27
CA THR A 135 6.66 22.79 4.35
CA LYS A 136 4.85 21.17 1.42
CA ALA A 137 2.07 19.62 3.52
CA MET A 138 1.44 22.06 6.38
CA ALA A 139 -1.72 24.18 6.07
CA SER A 140 0.32 27.41 6.00
CA GLY A 141 2.48 26.22 3.12
CA VAL A 142 1.21 28.91 0.75
CA SER A 143 2.11 31.83 3.01
CA ALA A 144 5.33 30.30 4.39
CA CYS A 145 6.72 29.42 0.94
CA LEU A 146 6.10 32.89 -0.51
CA ALA A 147 6.88 35.18 2.43
CA THR A 148 10.34 33.65 2.89
CA PRO A 149 11.77 33.95 -0.66
CA PHE A 150 10.11 37.33 -1.30
CA LYS A 151 11.77 38.69 1.86
CA ILE A 152 8.48 39.71 3.48
CA HIS A 153 8.84 41.36 6.93
CA GLY A 154 5.25 42.31 7.77
CA VAL A 155 2.31 40.08 8.63
CA ASN A 156 2.70 36.50 7.46
CA TYR A 157 0.05 33.79 7.79
CA SER A 158 -2.65 31.83 5.98
CA ILE A 159 -6.38 32.06 6.45
CA SER A 160 -8.31 28.93 5.51
CA SER A 161 -12.08 28.60 5.19
CA ALA A 162 -12.78 25.95 2.60
CA SER A 163 -14.22 27.50 -0.56
CA ALA A 164 -14.08 31.02 0.94
CA THR A 165 -10.37 30.78 1.82
CA SER A 166 -8.82 33.33 -0.53
CA ALA A 167 -11.75 35.73 -0.18
CA HIS A 168 -11.17 36.00 3.58
CA CYS A 169 -7.45 36.45 2.87
CA ILE A 170 -8.23 39.56 0.82
CA GLY A 171 -10.69 40.84 3.42
CA ASN A 172 -8.19 40.39 6.24
CA ALA A 173 -5.59 42.23 4.15
CA VAL A 174 -8.07 45.11 3.88
CA GLU A 175 -8.45 45.13 7.67
CA GLN A 176 -4.67 45.20 8.20
CA ILE A 177 -4.47 48.37 6.13
CA GLN A 178 -7.54 49.95 7.72
CA LEU A 179 -5.88 49.33 11.09
CA GLY A 180 -2.87 51.25 9.81
CA LYS A 181 -0.57 48.28 10.41
CA GLN A 182 0.46 47.74 6.79
CA ASP A 183 0.77 49.77 3.57
CA ILE A 184 0.77 46.79 1.21
CA VAL A 185 -0.42 43.23 1.66
CA PHE A 186 -0.21 40.52 -0.98
CA ALA A 187 -3.39 38.48 -0.66
CA GLY A 188 -4.61 35.39 -2.44
CA GLY A 189 -4.11 31.66 -2.43
CA GLY A 190 -3.67 28.46 -4.38
CA GLU A 191 -4.83 24.87 -4.52
CA GLU A 192 -3.32 21.74 -6.02
CA LEU A 193 -5.30 19.39 -8.27
CA CYS A 194 -4.88 15.65 -7.65
CA TRP A 195 -6.89 12.46 -7.16
CA GLU A 196 -5.73 12.26 -3.53
CA MET A 197 -7.94 15.24 -2.79
CA ALA A 198 -10.64 14.88 -5.45
CA CYS A 199 -11.69 11.36 -4.45
CA GLU A 200 -12.92 12.57 -1.05
CA PHE A 201 -15.34 14.93 -2.80
CA ASP A 202 -16.49 12.19 -5.16
CA ALA A 203 -16.94 9.96 -2.08
CA MET A 204 -19.51 12.40 -0.69
CA GLY A 205 -21.22 12.81 -4.06
CA ALA A 206 -20.22 16.44 -4.60
CA LEU A 207 -18.69 16.17 -8.08
CA SER A 208 -20.33 16.02 -11.51
CA THR A 209 -20.44 12.48 -12.90
CA LYS A 210 -23.01 12.54 -15.74
CA TYR A 211 -20.96 14.45 -18.29
CA ASN A 212 -17.56 12.81 -18.58
CA ASP A 213 -18.02 12.32 -22.35
CA THR A 214 -18.56 16.06 -22.81
CA PRO A 215 -16.17 17.73 -20.30
CA GLU A 216 -16.90 21.30 -21.39
CA LYS A 217 -20.56 20.88 -20.49
CA ALA A 218 -20.14 19.30 -17.05
CA SER A 219 -20.02 22.57 -15.08
CA ARG A 220 -23.43 24.20 -15.68
CA THR A 221 -24.47 26.57 -12.88
CA TYR A 222 -28.22 27.31 -12.85
CA ASP A 223 -28.93 24.65 -15.49
CA ALA A 224 -31.84 22.35 -14.64
CA HIS A 225 -29.64 19.28 -15.10
CA ARG A 226 -26.54 20.21 -13.11
CA ASP A 227 -25.12 17.37 -11.00
CA GLY A 228 -22.28 18.71 -8.84
CA PHE A 229 -19.23 20.89 -9.28
CA VAL A 230 -16.14 20.24 -11.39
CA ILE A 231 -12.98 20.33 -9.28
CA ALA A 232 -10.10 22.57 -10.37
CA GLY A 233 -6.78 23.96 -9.21
CA GLY A 234 -4.63 27.02 -9.68
CA GLY A 235 -3.71 30.23 -7.92
CA GLY A 236 -4.24 33.95 -7.67
CA MET A 237 -2.75 36.96 -5.91
CA VAL A 238 -3.65 40.63 -5.62
CA VAL A 239 -1.76 43.63 -4.30
CA VAL A 240 -3.92 45.26 -1.61
CA GLU A 241 -2.63 48.74 -0.90
CA GLU A 242 -3.40 51.90 1.08
CA LEU A 243 -4.87 54.63 -1.16
CA GLU A 244 -2.45 57.48 -0.41
CA HIS A 245 0.61 55.20 -0.59
CA ALA A 246 -0.57 53.89 -3.97
CA LEU A 247 -1.27 57.36 -5.39
CA ALA A 248 2.03 58.67 -4.05
CA ARG A 249 3.95 56.14 -6.16
CA GLY A 250 1.90 56.62 -9.34
CA ALA A 251 0.38 53.14 -9.20
CA HIS A 252 -2.35 51.95 -11.56
CA ILE A 253 -5.52 51.39 -9.53
CA TYR A 254 -8.02 48.77 -10.68
CA ALA A 255 -10.55 49.54 -7.96
CA GLU A 256 -11.21 50.38 -4.34
CA ILE A 257 -12.48 47.73 -1.92
CA VAL A 258 -15.54 49.45 -0.49
CA GLY A 259 -17.12 46.49 1.27
CA TYR A 260 -16.18 43.25 2.99
CA GLY A 261 -18.55 40.82 4.64
CA ALA A 262 -17.68 37.76 6.73
CA THR A 263 -20.42 35.76 8.44
CA SER A 264 -21.35 32.26 9.60
CA ASP A 265 -24.46 30.10 9.04
CA GLY A 266 -24.30 28.12 12.27
CA ALA A 267 -26.50 25.56 10.54
CA ASP A 268 -25.35 22.82 8.15
CA MET A 269 -21.86 21.38 7.73
CA VAL A 270 -21.99 21.05 3.92
CA ALA A 271 -25.01 22.97 2.58
CA PRO A 272 -25.45 26.77 2.84
CA SER A 273 -28.36 28.11 4.92
CA GLY A 274 -29.02 31.12 2.69
CA GLU A 275 -29.59 33.25 5.78
CA GLY A 276 -25.85 33.54 6.36
CA ALA A 277 -25.35 34.71 2.77
CA VAL A 278 -28.04 37.38 3.14
CA ARG A 279 -26.33 38.79 6.22
CA CYS A 280 -22.95 38.62 4.50
CA MET A 281 -24.06 40.52 1.39
CA LYS A 282 -25.84 43.16 3.45
CA MET A 283 -22.73 43.62 5.58
CA ALA A 284 -20.54 44.16 2.51
CA MET A 285 -22.99 46.68 1.05
CA HIS A 286 -23.30 48.80 4.18
CA GLY A 287 -22.22 52.35 3.40
CA VAL A 288 -21.89 51.70 -0.34
CA ASP A 289 -23.90 54.50 -1.98
CA THR A 290 -23.91 53.08 -5.50
CA PRO A 291 -25.90 50.11 -6.84
CA ILE A 292 -24.25 46.74 -7.49
CA ASP A 293 -23.93 46.51 -11.30
CA TYR A 294 -22.62 42.96 -11.49
CA LEU A 295 -22.49 40.02 -9.10
CA ASN A 296 -20.05 37.16 -9.62
CA SER A 297 -21.84 34.37 -7.78
CA HIS A 298 -20.40 31.49 -5.79
CA GLY A 299 -22.56 29.23 -8.01
CA THR A 300 -20.74 25.89 -8.06
CA SER A 301 -23.30 24.01 -10.20
CA THR A 302 -24.79 21.94 -7.38
CA PRO A 303 -28.54 21.23 -7.00
CA VAL A 304 -28.98 22.76 -3.51
CA GLY A 305 -26.19 25.34 -3.45
CA ASP A 306 -27.09 27.18 -6.66
CA VAL A 307 -30.68 27.95 -5.64
CA LYS A 308 -29.94 28.76 -1.99
CA GLU A 309 -27.67 31.55 -3.22
CA LEU A 310 -30.26 32.71 -5.74
CA ALA A 311 -32.87 32.91 -2.98
CA ALA A 312 -30.49 34.97 -0.85
CA ILE A 313 -29.78 37.27 -3.77
CA ARG A 314 -33.52 37.69 -4.36
CA GLU A 315 -33.97 38.47 -0.65
CA VAL A 316 -31.27 41.15 -0.78
CA PHE A 317 -32.06 42.80 -4.14
CA GLY A 318 -35.66 41.73 -4.76
CA ASP A 319 -36.79 42.72 -8.26
CA LYS A 320 -33.88 45.15 -8.78
CA SER A 321 -31.16 42.47 -8.97
CA PRO A 322 -27.77 43.06 -10.60
CA ALA A 323 -26.48 41.28 -13.69
CA ILE A 324 -25.39 37.82 -12.55
CA SER A 325 -23.07 35.18 -13.97
CA ALA A 326 -21.31 32.15 -12.51
CA THR A 327 -17.81 31.95 -13.97
CA LYS A 328 -17.40 28.49 -12.42
CA ALA A 329 -19.37 27.21 -15.42
CA MET A 330 -16.25 28.06 -17.41
CA THR A 331 -13.46 27.51 -14.87
CA GLY A 332 -14.61 24.80 -12.51
CA HIS A 333 -14.34 25.08 -8.72
CA SER A 334 -10.78 25.92 -7.60
CA LEU A 335 -11.75 25.63 -3.93
CA GLY A 336 -9.27 27.62 -1.83
CA ALA A 337 -8.21 29.62 -4.90
CA ALA A 338 -11.78 30.42 -5.98
CA GLY A 339 -12.10 33.59 -3.93
CA VAL A 340 -9.11 35.46 -5.31
CA GLN A 341 -9.43 34.17 -8.88
CA GLU A 342 -13.06 35.26 -9.02
CA ALA A 343 -12.18 38.63 -7.49
CA ILE A 344 -9.71 38.92 -10.37
CA TYR A 345 -12.28 37.94 -13.03
CA SER A 346 -14.57 40.61 -11.55
CA LEU A 347 -11.81 43.24 -11.62
CA LEU A 348 -11.12 42.46 -15.28
CA MET A 349 -14.83 42.87 -16.09
CA LEU A 350 -14.79 46.20 -14.26
CA GLU A 351 -11.54 47.31 -15.89
CA HIS A 352 -12.57 46.31 -19.43
CA GLY A 353 -16.29 47.05 -19.28
CA PHE A 354 -17.99 43.73 -20.02
CA ILE A 355 -19.97 40.98 -18.31
CA ALA A 356 -18.65 37.44 -18.70
CA PRO A 357 -21.36 34.92 -19.69
CA SER A 358 -22.88 32.25 -17.46
CA ILE A 359 -22.47 29.33 -19.86
CA ASN A 360 -23.96 25.89 -20.35
CA ILE A 361 -27.47 26.89 -19.31
CA GLU A 362 -29.68 24.86 -21.64
CA GLU A 363 -32.73 24.86 -19.37
CA LEU A 364 -32.79 27.59 -16.73
CA ASP A 365 -33.77 26.40 -13.27
CA GLU A 366 -37.27 27.63 -12.37
CA GLN A 367 -36.03 29.17 -9.13
CA ALA A 368 -33.81 31.49 -11.17
CA ALA A 369 -36.78 33.10 -12.95
CA GLY A 370 -36.99 36.86 -12.50
CA LEU A 371 -33.28 37.31 -11.86
CA ASN A 372 -30.91 39.13 -14.23
CA ILE A 373 -28.74 36.16 -15.22
CA VAL A 374 -26.47 36.93 -18.19
CA THR A 375 -25.75 34.15 -20.70
CA GLU A 376 -24.04 36.10 -23.47
CA THR A 377 -20.91 38.25 -23.32
CA THR A 378 -22.30 41.74 -22.78
CA ASP A 379 -20.38 44.98 -23.14
CA ARG A 380 -21.56 47.36 -20.42
CA GLU A 381 -19.90 50.07 -18.33
CA LEU A 382 -19.65 48.74 -14.79
CA THR A 383 -18.88 50.82 -11.71
CA THR A 384 -19.55 48.58 -8.69
CA VAL A 385 -19.12 44.79 -8.54
CA MET A 386 -19.72 42.09 -5.90
CA SER A 387 -18.24 38.58 -5.56
CA ASN A 388 -19.59 35.86 -3.21
CA SER A 389 -17.65 32.96 -1.69
CA PHE A 390 -19.23 30.37 0.60
CA GLY A 391 -17.62 27.28 2.09
CA PHE A 392 -18.31 24.09 4.04
CA GLY A 393 -18.84 24.75 7.73
CA GLY A 394 -21.19 27.59 6.86
CA THR A 395 -18.49 30.22 6.29
CA ASN A 396 -19.35 33.24 4.14
CA ALA A 397 -17.38 35.99 2.44
CA THR A 398 -18.47 38.82 0.14
CA LEU A 399 -16.29 41.47 -1.47
CA VAL A 400 -17.51 44.70 -3.08
CA MET A 401 -15.18 46.55 -5.43
CA ARG A 402 -15.77 49.92 -7.09
CA LYS A 403 -13.93 52.21 -9.52
CA LEU A 404 -12.08 55.16 -7.99
CA LYS A 405 -13.43 58.66 -8.88
CA ASP A 406 -11.89 59.41 -12.30
CA MET B 1 -48.74 22.52 31.48
CA LEU B 2 -48.06 23.96 34.94
CA VAL B 3 -50.93 24.79 37.30
CA LEU B 4 -50.35 27.21 40.17
CA VAL B 5 -52.77 26.67 43.06
CA ALA B 6 -53.38 28.41 46.41
CA PRO B 7 -54.75 26.77 49.60
CA GLY B 8 -57.67 27.68 51.86
CA GLN B 9 -58.51 27.80 55.57
CA GLY B 10 -56.92 25.10 57.69
CA ALA B 11 -53.61 25.28 55.82
CA GLN B 12 -52.18 27.98 58.09
CA THR B 13 -50.21 27.08 61.23
CA PRO B 14 -48.50 29.15 63.97
CA GLY B 15 -45.35 30.88 62.74
CA PHE B 16 -45.61 29.58 59.16
CA LEU B 17 -44.80 32.97 57.60
CA THR B 18 -41.62 33.53 59.66
CA ASP B 19 -39.04 32.37 57.10
CA TRP B 20 -40.87 34.18 54.30
CA LEU B 21 -40.76 37.51 56.15
CA ALA B 22 -36.98 37.13 56.32
CA LEU B 23 -36.62 37.55 52.56
CA PRO B 24 -35.32 41.04 51.70
CA GLY B 25 -38.29 43.30 51.07
CA ALA B 26 -40.91 40.86 52.39
CA ALA B 27 -41.45 42.52 55.78
CA ASP B 28 -41.86 45.83 53.94
CA ARG B 29 -44.54 44.54 51.55
CA VAL B 30 -46.49 42.75 54.29
CA ALA B 31 -46.36 45.90 56.46
CA ALA B 32 -47.87 47.99 53.66
CA TRP B 33 -50.62 45.38 53.25
CA SER B 34 -51.23 45.38 56.99
CA ASP B 35 -51.68 49.16 56.97
CA ALA B 36 -54.08 48.89 54.03
CA ILE B 37 -56.41 46.35 55.65
CA GLY B 38 -55.96 47.32 59.30
CA LEU B 39 -54.48 44.00 60.43
CA ASP B 40 -50.96 43.12 61.60
CA LEU B 41 -50.27 40.31 59.13
CA ALA B 42 -46.66 39.91 60.29
CA HIS B 43 -47.79 39.25 63.87
CA PHE B 44 -50.41 36.65 62.95
CA GLY B 45 -48.00 34.89 60.63
CA THR B 46 -45.11 34.80 63.13
CA LYS B 47 -46.00 35.20 66.83
CA ALA B 48 -49.73 34.43 66.96
CA ASP B 49 -50.65 30.99 68.30
CA ALA B 50 -53.36 28.54 67.23
CA ASP B 51 -56.40 30.35 68.66
CA GLU B 52 -55.46 33.68 67.06
CA ILE B 53 -54.99 32.36 63.53
CA ARG B 54 -58.11 30.20 63.72
CA ASP B 55 -59.95 33.53 63.69
CA THR B 56 -61.63 33.37 60.28
CA SER B 57 -61.35 37.16 59.86
CA VAL B 58 -57.59 36.78 60.36
CA ALA B 59 -56.97 33.48 58.57
CA GLN B 60 -58.38 34.56 55.21
CA PRO B 61 -56.23 37.68 54.62
CA LEU B 62 -53.18 35.95 56.13
CA LEU B 63 -53.49 33.04 53.69
CA VAL B 64 -53.83 35.39 50.70
CA ALA B 65 -50.79 37.47 51.70
CA ALA B 66 -48.78 34.27 52.13
CA GLY B 67 -49.77 33.04 48.68
CA ILE B 68 -49.05 36.32 46.93
CA LEU B 69 -45.76 36.67 48.82
CA SER B 70 -44.46 33.17 48.09
CA ALA B 71 -45.50 33.38 44.44
CA ALA B 72 -43.73 36.73 44.14
CA ALA B 73 -40.59 35.15 45.63
CA LEU B 74 -40.84 32.21 43.22
CA GLY B 75 -40.88 34.66 40.34
CA THR B 76 -37.54 36.28 41.15
CA GLY B 77 -40.19 35.57 36.00
CA PHE B 78 -42.71 33.03 34.72
CA THR B 79 -46.32 32.53 33.64
CA PRO B 80 -48.23 29.36 34.60
CA GLY B 81 -50.54 27.52 32.22
CA ALA B 82 -53.46 27.96 34.61
CA VAL B 83 -54.33 29.02 38.17
CA ALA B 84 -56.88 28.04 40.81
CA GLY B 85 -57.37 27.90 44.56
CA HIS B 86 -59.47 26.37 47.32
CA SER B 87 -62.14 28.81 48.55
CA VAL B 88 -60.06 31.72 49.90
CA GLY B 89 -57.33 30.48 47.57
CA GLU B 90 -59.54 31.64 44.69
CA ILE B 91 -58.87 35.26 45.58
CA THR B 92 -55.15 34.45 45.68
CA ALA B 93 -55.45 32.90 42.22
CA ALA B 94 -57.24 36.02 40.93
CA VAL B 95 -54.05 37.94 41.69
CA PHE B 96 -51.92 35.41 39.79
CA ALA B 97 -54.23 35.73 36.76
CA GLY B 98 -54.09 39.52 36.89
CA VAL B 99 -57.79 39.90 37.64
CA LEU B 100 -57.15 41.86 40.83
CA ASP B 101 -54.03 43.58 42.15
CA ASP B 102 -52.81 42.42 45.55
CA THR B 103 -54.07 45.29 47.75
CA ALA B 104 -57.52 45.09 46.17
CA ALA B 105 -57.52 41.33 46.75
CA LEU B 106 -56.39 41.61 50.38
CA SER B 107 -59.05 44.27 50.94
CA LEU B 108 -61.70 41.99 49.45
CA VAL B 109 -60.62 38.94 51.46
CA ARG B 110 -60.39 40.97 54.69
CA ARG B 111 -64.07 41.76 54.08
CA ARG B 112 -64.71 38.16 53.06
CA GLY B 113 -63.39 36.87 56.38
CA LEU B 114 -65.24 39.40 58.52
CA ALA B 115 -68.51 38.87 56.60
CA MET B 116 -68.39 35.09 56.94
CA ALA B 117 -67.54 35.36 60.64
CA GLU B 118 -70.52 37.67 61.17
CA ALA B 119 -72.84 35.38 59.22
CA ALA B 120 -71.68 32.37 61.24
CA ALA B 121 -72.35 34.26 64.49
CA VAL B 122 -76.07 34.75 63.87
CA THR B 123 -76.30 30.97 63.58
CA GLU B 124 -75.23 27.74 65.29
CA THR B 125 -73.72 25.96 62.28
CA GLY B 126 -70.54 24.20 61.22
CA MET B 127 -68.78 21.81 58.86
CA SER B 128 -67.67 18.19 59.30
CA ALA B 129 -65.58 15.94 57.09
CA LEU B 130 -66.78 12.42 56.29
CA LEU B 131 -64.01 9.82 56.51
CA GLY B 132 -64.66 6.77 54.37
CA GLY B 133 -67.77 5.76 52.45
CA ASP B 134 -68.91 6.43 48.90
CA PRO B 135 -69.15 10.09 47.78
CA GLU B 136 -72.52 9.86 46.02
CA VAL B 137 -74.19 7.75 48.74
CA SER B 138 -72.70 10.09 51.35
CA VAL B 139 -74.01 13.17 49.58
CA ALA B 140 -77.48 11.63 49.22
CA HIS B 141 -77.55 10.79 52.93
CA LEU B 142 -76.25 14.07 54.34
CA GLU B 143 -78.55 16.05 52.02
CA ARG B 144 -81.51 13.94 53.11
CA LEU B 145 -80.67 14.98 56.66
CA GLY B 146 -80.72 18.60 55.58
CA LEU B 147 -76.99 19.21 55.17
CA THR B 148 -75.23 20.46 52.05
CA PRO B 149 -72.03 19.08 50.50
CA ALA B 150 -70.04 22.28 51.15
CA ASN B 151 -66.76 20.73 50.01
CA VAL B 152 -66.35 18.15 47.24
CA ASN B 153 -62.56 17.93 47.22
CA GLY B 154 -61.89 14.90 45.04
CA ALA B 155 -60.30 11.58 45.92
CA GLY B 156 -63.75 10.78 47.29
CA GLN B 157 -63.52 13.46 50.00
CA ILE B 158 -66.74 15.12 51.19
CA VAL B 159 -67.35 17.86 53.78
CA ALA B 160 -70.88 18.30 55.13
CA ALA B 161 -72.19 21.62 56.45
CA GLY B 162 -75.34 22.81 58.17
CA THR B 163 -76.72 23.49 61.65
CA MET B 164 -75.10 21.92 64.69
CA GLU B 165 -78.26 19.85 65.24
CA GLN B 166 -78.05 18.40 61.73
CA LEU B 167 -74.31 17.81 62.02
CA ALA B 168 -74.99 15.94 65.26
CA ALA B 169 -77.75 13.91 63.58
CA LEU B 170 -75.23 13.08 60.85
CA ASN B 171 -72.76 11.72 63.39
CA GLU B 172 -75.43 9.64 65.12
CA ASP B 173 -76.81 8.38 61.82
CA LYS B 174 -73.79 8.18 59.51
CA PRO B 175 -73.93 7.40 55.78
CA GLU B 176 -73.19 3.76 54.96
CA GLY B 177 -69.48 3.03 55.08
CA VAL B 178 -68.54 6.31 56.78
CA ARG B 179 -66.27 5.61 59.76
CA LYS B 180 -66.07 9.10 61.22
CA VAL B 181 -67.76 12.48 60.97
CA VAL B 182 -65.08 14.95 62.02
CA PRO B 183 -66.05 18.54 62.82
CA LEU B 184 -63.82 21.15 61.17
CA LYS B 185 -62.25 24.08 63.00
CA VAL B 186 -64.50 26.72 61.44
CA ALA B 187 -66.98 29.29 62.77
CA GLY B 188 -69.92 28.08 60.71
CA ALA B 189 -71.51 26.46 57.68
CA PHE B 190 -69.35 28.16 55.06
CA HIS B 191 -70.33 27.45 51.45
CA THR B 192 -74.04 27.06 52.23
CA ARG B 193 -77.10 29.34 52.20
CA HIS B 194 -76.20 30.18 55.79
CA MET B 195 -73.64 32.55 54.24
CA ALA B 196 -76.32 34.46 52.29
CA PRO B 197 -75.78 37.59 54.42
CA ALA B 198 -72.04 37.31 53.71
CA VAL B 199 -72.77 37.55 49.97
CA ASP B 200 -74.57 40.87 50.50
CA LYS B 201 -71.66 42.29 52.52
CA LEU B 202 -68.99 40.88 50.20
CA ALA B 203 -70.85 42.28 47.16
CA GLU B 204 -70.63 45.76 48.68
CA ALA B 205 -66.85 45.45 48.98
CA ALA B 206 -66.69 44.18 45.38
CA LYS B 207 -68.20 47.54 44.31
CA ALA B 208 -64.93 49.35 44.98
CA LEU B 209 -63.14 47.03 42.57
CA THR B 210 -62.64 47.07 38.81
CA PRO B 211 -61.55 43.52 37.83
CA ALA B 212 -59.49 42.91 34.71
CA ASP B 213 -59.89 39.92 32.40
CA PRO B 214 -57.66 37.00 33.45
CA LYS B 215 -54.33 36.90 31.59
CA VAL B 216 -53.88 33.24 32.52
CA THR B 217 -56.50 30.48 32.45
CA TYR B 218 -58.55 30.81 35.65
CA VAL B 219 -60.34 27.68 36.93
CA SER B 220 -63.35 28.27 39.20
CA ASN B 221 -64.54 26.41 42.34
CA LYS B 222 -68.19 26.75 41.37
CA ASP B 223 -68.15 24.21 38.56
CA GLY B 224 -64.49 23.68 37.67
CA ARG B 225 -64.84 25.79 34.52
CA ALA B 226 -62.38 28.27 33.07
CA VAL B 227 -63.72 31.82 33.34
CA ALA B 228 -62.62 34.27 30.64
CA SER B 229 -64.33 37.39 32.04
CA GLY B 230 -62.95 39.47 34.92
CA THR B 231 -66.42 40.51 36.09
CA GLU B 232 -67.59 36.88 35.96
CA VAL B 233 -64.52 35.93 38.01
CA LEU B 234 -65.42 38.52 40.65
CA ASP B 235 -69.13 37.65 40.68
CA ARG B 236 -68.21 33.98 41.19
CA LEU B 237 -65.86 34.86 44.09
CA VAL B 238 -68.62 36.82 45.83
CA GLY B 239 -71.18 34.07 45.36
CA GLN B 240 -68.83 31.21 46.30
CA VAL B 241 -69.01 32.04 50.01
CA ALA B 242 -72.47 30.45 49.86
CA ASN B 243 -71.92 27.80 47.17
CA PRO B 244 -70.23 24.36 47.45
CA VAL B 245 -66.51 24.12 46.60
CA ARG B 246 -66.16 21.73 43.67
CA TRP B 247 -62.41 21.20 43.89
CA ASP B 248 -63.05 17.78 42.36
CA LEU B 249 -64.16 19.42 39.11
CA CYS B 250 -61.23 21.82 39.21
CA MET B 251 -58.84 18.86 39.16
CA GLU B 252 -60.85 17.23 36.36
CA THR B 253 -60.32 20.44 34.38
CA PHE B 254 -56.57 20.39 35.11
CA LYS B 255 -56.63 16.93 33.49
CA GLU B 256 -58.56 18.22 30.48
CA LEU B 257 -55.86 20.90 30.20
CA GLY B 258 -53.14 18.23 30.20
CA VAL B 259 -51.55 19.38 33.46
CA THR B 260 -48.04 17.96 33.94
CA ALA B 261 -47.02 19.78 37.13
CA ILE B 262 -48.71 21.55 40.04
CA ILE B 263 -47.10 23.96 42.49
CA GLU B 264 -49.09 24.95 45.57
CA VAL B 265 -48.08 28.32 47.07
CA CYS B 266 -47.46 28.91 50.76
CA PRO B 267 -48.69 27.38 53.00
CA GLY B 268 -48.69 24.24 50.86
CA GLY B 269 -49.36 20.61 51.58
CA THR B 270 -53.15 20.20 51.54
CA LEU B 271 -53.86 20.67 47.82
CA THR B 272 -50.63 18.85 46.95
CA GLY B 273 -51.79 15.88 49.01
CA LEU B 274 -55.07 15.82 47.08
CA ALA B 275 -53.25 16.05 43.76
CA LYS B 276 -51.06 13.05 44.59
CA ARG B 277 -54.25 11.05 44.97
CA ALA B 278 -56.49 12.34 42.20
CA LEU B 279 -53.82 13.30 39.66
CA PRO B 280 -51.43 10.33 39.26
CA GLY B 281 -48.47 11.00 36.99
CA VAL B 282 -48.48 14.72 37.76
CA LYS B 283 -45.44 16.27 39.47
CA THR B 284 -46.40 18.20 42.58
CA LEU B 285 -44.50 20.60 44.82
CA ALA B 286 -45.70 22.50 47.89
CA LEU B 287 -44.03 25.74 48.95
CA LYS B 288 -43.65 25.71 52.73
CA THR B 289 -40.50 27.82 53.24
CA PRO B 290 -38.11 29.87 51.04
CA ASP B 291 -35.81 26.83 51.05
CA ASP B 292 -38.37 25.15 48.76
CA LEU B 293 -37.88 27.86 46.08
CA ASP B 294 -34.89 26.39 44.22
CA ALA B 295 -36.71 23.10 43.62
CA ALA B 296 -39.79 25.11 42.57
CA ARG B 297 -37.79 27.17 40.07
CA GLU B 298 -36.51 23.97 38.47
CA LEU B 299 -40.05 22.66 38.17
CA VAL B 300 -41.20 25.97 36.70
CA ALA B 301 -38.38 26.02 34.15
CA GLU B 302 -39.14 22.52 32.81
CA HIS B 303 -42.91 23.03 32.65
CA THR B 304 -43.26 26.57 31.33
CA VAL C 1 10.05 0.84 14.76
CA ASP C 2 7.55 3.37 13.44
CA LYS C 3 6.51 1.55 10.28
CA ARG C 4 6.08 3.52 7.11
CA GLU C 5 4.53 1.99 4.01
CA SER C 6 7.37 3.28 1.86
CA TYR C 7 11.00 4.44 2.07
CA THR C 8 13.00 6.78 -0.10
CA LYS C 9 16.61 6.61 -1.29
CA GLU C 10 17.67 8.78 1.64
CA ASP C 11 15.87 6.45 4.06
CA LEU C 12 17.77 3.46 2.60
CA LEU C 13 21.05 5.36 2.95
CA ALA C 14 20.24 6.14 6.60
CA SER C 15 19.44 2.44 7.01
CA GLY C 16 22.92 1.55 5.80
CA ARG C 17 24.29 3.84 8.51
CA GLY C 18 22.18 2.24 11.23
CA GLU C 19 20.09 5.37 11.71
CA LEU C 20 16.73 4.19 10.37
CA PHE C 21 15.95 1.26 12.69
CA GLY C 22 18.34 2.39 15.40
CA ALA C 23 21.51 0.77 16.76
CA LYS C 24 19.86 -2.63 17.33
CA GLY C 25 17.94 -3.11 14.09
CA PRO C 26 19.54 -4.52 10.91
CA GLN C 27 21.40 -2.39 8.36
CA LEU C 28 21.11 -2.50 4.60
CA PRO C 29 24.42 -2.63 2.69
CA ALA C 30 25.75 0.75 1.60
CA PRO C 31 26.63 1.56 -2.03
CA ASN C 32 27.95 -0.10 -4.08
CA MET C 33 26.10 -3.09 -2.59
CA LEU C 34 22.73 -1.39 -1.94
CA MET C 35 20.63 -2.84 -4.77
CA MET C 36 17.42 -0.72 -4.56
CA ASP C 37 16.63 2.98 -4.86
CA ARG C 38 13.30 2.93 -3.05
CA VAL C 39 10.72 0.71 -1.36
CA VAL C 40 7.32 1.62 -2.83
CA LYS C 41 5.15 -0.63 -0.68
CA MET C 42 5.38 -2.63 2.53
CA THR C 43 2.40 -4.43 4.08
CA GLU C 44 2.34 -7.10 6.78
CA THR C 45 -0.65 -8.84 5.21
CA GLY C 46 -1.10 -9.22 1.48
CA GLY C 47 1.23 -10.92 -0.94
CA ASN C 48 0.63 -14.34 -2.50
CA PHE C 49 0.39 -15.99 0.91
CA ASP C 50 -1.19 -13.04 2.70
CA LYS C 51 1.67 -13.01 5.18
CA GLY C 52 3.51 -9.95 3.97
CA TYR C 53 4.60 -8.15 0.86
CA VAL C 54 7.27 -5.71 -0.23
CA GLU C 55 7.81 -4.02 -3.58
CA ALA C 56 10.99 -2.09 -4.36
CA GLU C 57 12.67 -0.51 -7.37
CA LEU C 58 16.14 0.13 -8.75
CA ASP C 59 16.51 2.82 -11.41
CA ILE C 60 18.69 1.79 -14.33
CA ASN C 61 21.15 3.95 -16.24
CA PRO C 62 24.21 2.97 -18.36
CA ASP C 63 26.64 4.34 -15.79
CA LEU C 64 25.84 1.90 -12.95
CA TRP C 65 29.15 0.39 -11.86
CA PHE C 66 28.38 -3.24 -12.73
CA PHE C 67 27.71 -2.48 -16.39
CA GLY C 68 31.33 -1.56 -16.98
CA CYS C 69 32.80 -4.83 -15.72
CA HIS C 70 30.11 -7.47 -16.32
CA PHE C 71 31.03 -7.92 -19.08
CA ILE C 72 33.41 -5.62 -20.94
CA GLY C 73 31.67 -5.12 -24.29
CA ASP C 74 28.57 -7.06 -23.24
CA PRO C 75 26.95 -5.16 -20.34
CA VAL C 76 24.36 -7.04 -18.29
CA MET C 77 23.40 -6.61 -14.63
CA PRO C 78 24.86 -9.57 -12.64
CA GLY C 79 22.03 -11.92 -11.70
CA CYS C 80 23.72 -12.37 -8.30
CA LEU C 81 23.05 -8.70 -7.41
CA GLY C 82 19.34 -9.03 -8.19
CA LEU C 83 19.35 -12.01 -5.83
CA ASP C 84 21.11 -9.93 -3.16
CA ALA C 85 18.51 -7.13 -3.43
CA MET C 86 15.85 -9.75 -2.59
CA TRP C 87 17.80 -11.05 0.47
CA GLN C 88 18.33 -7.37 1.41
CA LEU C 89 14.55 -6.74 1.28
CA VAL C 90 13.73 -9.83 3.37
CA GLY C 91 16.12 -8.70 6.12
CA PHE C 92 14.90 -5.10 5.86
CA TYR C 93 11.35 -6.37 6.42
CA LEU C 94 12.34 -8.35 9.55
CA GLY C 95 13.84 -5.14 10.95
CA TRP C 96 10.66 -3.29 9.94
CA LEU C 97 8.58 -5.71 12.05
CA GLY C 98 10.80 -4.74 14.95
CA GLY C 99 13.38 -7.50 14.75
CA GLU C 100 16.80 -6.84 16.26
CA GLY C 101 20.16 -8.11 15.06
CA LYS C 102 22.57 -8.11 12.14
CA GLY C 103 21.28 -9.51 8.85
CA ARG C 104 22.76 -12.64 7.30
CA ALA C 105 21.43 -14.37 4.16
CA LEU C 106 20.97 -18.09 4.89
CA GLY C 107 20.11 -19.40 1.44
CA VAL C 108 17.56 -19.77 -1.33
CA GLY C 109 15.78 -22.80 -2.77
CA GLU C 110 15.45 -22.43 -6.55
CA VAL C 111 16.41 -19.53 -8.84
CA LYS C 112 15.58 -19.25 -12.55
CA PHE C 113 16.89 -16.47 -14.77
CA THR C 114 14.92 -16.22 -17.98
CA GLY C 115 15.92 -12.71 -18.96
CA GLN C 116 18.57 -10.03 -18.57
CA VAL C 117 18.85 -6.40 -17.50
CA LEU C 118 20.57 -4.29 -20.16
CA PRO C 119 21.88 -0.73 -19.66
CA THR C 120 18.98 0.40 -21.87
CA ALA C 121 16.37 -0.65 -19.30
CA LYS C 122 14.72 1.97 -17.12
CA LYS C 123 13.66 0.18 -13.99
CA VAL C 124 13.97 -3.08 -12.08
CA THR C 125 11.14 -4.05 -9.74
CA TYR C 126 11.48 -6.52 -6.86
CA ARG C 127 8.35 -8.17 -5.42
CA ILE C 128 8.71 -10.19 -2.20
CA HIS C 129 5.96 -12.48 -0.93
CA PHE C 130 6.42 -13.74 2.63
CA LYS C 131 5.65 -17.39 3.47
CA ARG C 132 6.79 -17.70 7.05
CA ILE C 133 8.13 -15.31 9.63
CA VAL C 134 9.64 -16.47 12.91
CA ASN C 135 10.10 -13.32 14.95
CA ARG C 136 10.58 -15.06 18.31
CA ARG C 137 13.98 -15.17 19.98
CA LEU C 138 15.09 -16.56 16.60
CA ILE C 139 14.33 -14.12 13.81
CA MET C 140 14.07 -15.66 10.35
CA GLY C 141 12.12 -14.88 7.20
CA LEU C 142 11.15 -17.16 4.31
CA ALA C 143 9.78 -15.70 1.06
CA ASP C 144 9.49 -16.09 -2.71
CA GLY C 145 10.76 -13.27 -4.88
CA GLU C 146 10.34 -11.97 -8.40
CA VAL C 147 12.39 -9.53 -10.45
CA LEU C 148 10.86 -7.62 -13.38
CA VAL C 149 12.66 -5.34 -15.83
CA ASP C 150 10.36 -2.62 -17.16
CA GLY C 151 7.41 -4.80 -16.23
CA ARG C 152 8.78 -8.02 -17.72
CA LEU C 153 9.25 -10.95 -15.28
CA ILE C 154 12.82 -12.21 -15.63
CA TYR C 155 13.86 -13.93 -12.35
CA THR C 156 11.97 -16.00 -9.80
CA ALA C 157 13.49 -17.18 -6.50
CA SER C 158 11.80 -19.68 -4.20
CA ASP C 159 12.47 -19.87 -0.50
CA LEU C 160 14.78 -16.91 0.06
CA LYS C 161 15.87 -17.24 3.68
CA VAL C 162 17.34 -14.51 5.88
CA GLY C 163 17.80 -14.26 9.63
CA LEU C 164 18.85 -11.51 12.05
CA PHE C 165 21.58 -12.29 14.59
CA GLN C 166 22.58 -10.60 17.83
CA ASP C 167 25.94 -12.36 17.79
CA THR C 168 27.52 -13.32 14.48
CA SER C 169 30.87 -14.49 15.90
CA ALA C 170 29.49 -18.02 15.56
CA PHE C 171 29.66 -18.05 11.74
CA VAL C 172 42.62 -26.44 -25.24
CA ASP C 173 45.81 -27.63 -23.55
CA LYS C 174 44.88 -28.25 -19.92
CA ARG C 175 47.02 -26.90 -17.08
CA GLU C 176 46.41 -27.65 -13.41
CA SER C 177 46.76 -24.00 -12.42
CA TYR C 178 46.43 -20.49 -13.85
CA THR C 179 47.93 -17.16 -12.86
CA LYS C 180 46.23 -13.77 -12.54
CA GLU C 181 47.61 -12.92 -16.00
CA ASP C 182 45.93 -15.99 -17.46
CA LEU C 183 42.60 -15.08 -15.84
CA LEU C 184 42.92 -11.55 -17.30
CA ALA C 185 43.76 -12.99 -20.74
CA SER C 186 40.65 -15.18 -20.35
CA GLY C 187 38.44 -12.08 -19.96
CA ARG C 188 39.56 -10.96 -23.41
CA GLY C 189 39.09 -14.41 -24.89
CA GLU C 190 42.84 -14.89 -25.32
CA LEU C 191 43.13 -18.01 -23.13
CA PHE C 192 40.75 -20.60 -24.64
CA GLY C 193 40.38 -18.98 -28.04
CA ALA C 194 37.49 -17.17 -29.72
CA LYS C 195 35.03 -20.05 -29.38
CA GLY C 196 35.74 -20.67 -25.70
CA PRO C 197 34.01 -18.89 -22.79
CA GLN C 198 35.36 -15.72 -21.18
CA LEU C 199 35.69 -14.93 -17.50
CA PRO C 200 34.37 -11.48 -16.49
CA ALA C 201 37.01 -8.74 -16.46
CA PRO C 202 37.71 -6.45 -13.51
CA ASN C 203 35.86 -5.34 -11.63
CA MET C 204 33.68 -8.46 -11.93
CA LEU C 205 36.59 -10.95 -11.95
CA MET C 206 36.43 -12.50 -8.47
CA MET C 207 39.61 -14.58 -8.22
CA ASP C 208 43.34 -13.88 -8.61
CA ARG C 209 44.47 -17.39 -9.46
CA VAL C 210 43.34 -20.97 -9.88
CA VAL C 211 45.58 -23.12 -7.72
CA LYS C 212 44.30 -26.57 -8.80
CA MET C 213 42.06 -28.02 -11.50
CA THR C 214 41.45 -31.77 -11.88
CA GLU C 215 39.09 -34.01 -13.87
CA THR C 216 38.76 -36.46 -11.02
CA GLY C 217 38.80 -35.68 -7.31
CA GLY C 218 36.50 -33.44 -5.32
CA ASN C 219 33.76 -34.77 -3.01
CA PHE C 220 32.13 -36.77 -5.84
CA ASP C 221 35.33 -37.85 -7.62
CA LYS C 222 34.05 -36.09 -10.76
CA GLY C 223 36.13 -32.92 -10.82
CA TYR C 224 37.66 -30.30 -8.55
CA VAL C 225 38.69 -26.67 -8.73
CA GLU C 226 40.36 -24.59 -6.03
CA ALA C 227 40.98 -20.84 -6.55
CA GLU C 228 41.98 -17.87 -4.38
CA LEU C 229 41.29 -14.17 -4.05
CA ASP C 230 43.77 -12.01 -2.15
CA ILE C 231 42.12 -9.61 0.23
CA ASN C 232 43.34 -6.05 0.99
CA PRO C 233 41.42 -3.09 2.51
CA ASP C 234 41.50 -1.12 -0.75
CA LEU C 235 39.37 -3.44 -2.89
CA TRP C 236 36.57 -1.32 -4.40
CA PHE C 237 33.62 -3.13 -2.80
CA PHE C 238 34.78 -2.37 0.77
CA GLY C 239 34.19 1.32 0.14
CA CYS C 240 30.49 1.08 -0.74
CA HIS C 241 29.32 -2.12 0.93
CA PHE C 242 28.76 -0.59 3.38
CA ILE C 243 29.99 2.93 4.23
CA GLY C 244 31.49 2.59 7.69
CA ASP C 245 30.81 -1.19 7.80
CA PRO C 246 32.99 -2.81 5.10
CA VAL C 247 32.15 -6.43 4.26
CA MET C 248 32.63 -8.20 0.93
CA PRO C 249 29.22 -8.66 -0.81
CA GLY C 250 28.13 -12.30 -0.54
CA CYS C 251 26.74 -12.13 -4.08
CA LEU C 252 30.28 -11.60 -5.39
CA GLY C 253 31.67 -14.74 -3.70
CA LEU C 254 28.70 -16.56 -5.20
CA ASP C 255 29.53 -15.16 -8.65
CA ALA C 256 33.11 -16.37 -8.28
CA MET C 257 31.70 -19.90 -7.91
CA TRP C 258 29.61 -19.58 -11.08
CA GLN C 259 32.69 -18.14 -12.80
CA LEU C 260 34.79 -21.17 -11.82
CA VAL C 261 32.13 -23.68 -12.97
CA GLY C 262 31.97 -21.93 -16.35
CA PHE C 263 35.76 -21.66 -16.58
CA TYR C 264 36.10 -25.42 -15.97
CA LEU C 265 33.64 -26.19 -18.79
CA GLY C 266 35.84 -24.12 -21.12
CA TRP C 267 38.92 -25.90 -19.76
CA LEU C 268 37.32 -29.21 -20.81
CA GLY C 269 37.05 -27.77 -24.31
CA GLY C 270 33.47 -26.54 -24.13
CA GLU C 271 32.63 -23.76 -26.60
CA GLY C 272 30.17 -20.93 -26.15
CA LYS C 273 29.24 -17.83 -24.10
CA GLY C 274 28.93 -18.49 -20.30
CA ARG C 275 25.56 -17.92 -18.59
CA ALA C 276 24.73 -18.84 -14.98
CA LEU C 277 21.52 -20.89 -14.85
CA GLY C 278 20.94 -20.90 -11.11
CA VAL C 279 21.77 -22.43 -7.74
CA GLY C 280 20.02 -24.48 -5.08
CA GLU C 281 20.59 -23.53 -1.44
CA VAL C 282 23.20 -20.87 -0.57
CA LYS C 283 24.16 -20.27 3.06
CA PHE C 284 26.32 -17.40 4.35
CA THR C 285 27.50 -18.10 7.91
CA GLY C 286 30.43 -15.70 8.12
CA GLN C 287 31.86 -12.59 6.46
CA VAL C 288 34.96 -11.36 4.67
CA LEU C 289 36.33 -8.24 6.38
CA PRO C 290 39.06 -5.93 5.00
CA THR C 291 41.38 -7.46 7.61
CA ALA C 292 41.14 -10.96 6.11
CA LYS C 293 44.01 -12.07 3.86
CA LYS C 294 42.79 -14.80 1.55
CA VAL C 295 39.49 -16.14 0.25
CA THR C 296 39.49 -19.72 -0.98
CA TYR C 297 36.94 -21.18 -3.42
CA ARG C 298 36.47 -24.94 -3.75
CA ILE C 299 34.23 -26.43 -6.39
CA HIS C 300 33.14 -30.10 -6.28
CA PHE C 301 31.60 -31.22 -9.55
CA LYS C 302 28.69 -33.57 -9.41
CA ARG C 303 27.73 -33.57 -13.08
CA ILE C 304 28.93 -32.39 -16.47
CA VAL C 305 27.05 -32.53 -19.78
CA ASN C 306 29.46 -31.89 -22.65
CA ARG C 307 27.44 -33.03 -25.65
CA ARG C 308 25.52 -30.70 -27.99
CA LEU C 309 24.61 -28.97 -24.73
CA ILE C 310 27.40 -27.97 -22.35
CA MET C 311 26.29 -27.66 -18.73
CA GLY C 312 27.91 -28.03 -15.30
CA LEU C 313 26.49 -28.81 -11.87
CA ALA C 314 28.55 -28.49 -8.69
CA ASP C 315 28.58 -27.72 -4.97
CA GLY C 316 30.76 -24.89 -3.72
CA GLU C 317 32.58 -23.81 -0.57
CA VAL C 318 34.02 -20.42 0.31
CA LEU C 319 36.56 -20.12 3.11
CA VAL C 320 38.26 -17.01 4.48
CA ASP C 321 41.65 -17.63 6.03
CA GLY C 322 40.94 -21.36 6.31
CA ARG C 323 37.46 -21.09 7.82
CA LEU C 324 34.29 -22.01 5.92
CA ILE C 325 31.82 -19.17 5.58
CA TYR C 326 29.59 -19.93 2.56
CA THR C 327 28.25 -23.09 0.94
CA ALA C 328 26.23 -23.39 -2.27
CA SER C 329 24.52 -26.53 -3.49
CA ASP C 330 23.92 -27.24 -7.16
CA LEU C 331 25.54 -24.27 -8.83
CA LYS C 332 24.47 -24.54 -12.48
CA VAL C 333 26.15 -22.94 -15.49
CA GLY C 334 25.95 -23.57 -19.22
CA LEU C 335 27.89 -22.41 -22.30
CA PHE C 336 25.76 -21.22 -25.23
CA GLN C 337 26.74 -20.43 -28.79
CA ASP C 338 23.38 -18.75 -29.36
CA THR C 339 21.95 -16.55 -26.60
CA SER C 340 19.20 -14.95 -28.71
CA ALA C 341 16.44 -16.74 -26.78
CA PHE C 342 17.46 -15.32 -23.37
CA MET D 1 31.06 -36.98 -50.77
CA LYS D 2 28.25 -34.44 -50.59
CA ALA D 3 26.69 -33.78 -47.19
CA TRP D 4 24.69 -31.26 -45.20
CA VAL D 5 26.50 -29.68 -42.28
CA LEU D 6 25.21 -27.43 -39.53
CA LYS D 7 28.05 -25.14 -38.43
CA ARG D 8 26.05 -23.10 -35.91
CA LEU D 9 23.08 -23.86 -33.70
CA GLY D 10 20.11 -21.89 -34.98
CA GLY D 11 22.06 -21.33 -38.19
CA PRO D 12 21.50 -22.57 -41.78
CA LEU D 13 22.56 -25.90 -43.29
CA GLU D 14 25.35 -26.04 -45.85
CA LEU D 15 25.83 -28.42 -48.78
CA VAL D 16 29.49 -29.39 -48.59
CA ASP D 17 32.03 -31.90 -49.90
CA LEU D 18 33.50 -34.13 -47.21
CA PRO D 19 35.97 -37.05 -47.09
CA GLU D 20 34.54 -40.54 -47.50
CA PRO D 21 33.65 -42.13 -44.15
CA GLU D 22 36.18 -44.69 -42.89
CA ALA D 23 34.67 -47.73 -41.18
CA GLU D 24 36.39 -48.52 -37.87
CA GLU D 25 36.62 -52.15 -36.72
CA GLY D 26 33.10 -53.51 -36.40
CA GLU D 27 31.55 -50.83 -38.63
CA VAL D 28 30.30 -50.80 -42.21
CA VAL D 29 29.79 -47.87 -44.55
CA LEU D 30 26.26 -47.76 -45.92
CA ARG D 31 25.38 -45.70 -48.96
CA VAL D 32 22.34 -43.65 -47.98
CA GLU D 33 19.06 -43.89 -49.92
CA ALA D 34 16.66 -42.15 -47.54
CA VAL D 35 16.68 -40.22 -44.27
CA GLY D 36 13.73 -39.87 -41.94
CA LEU D 37 13.51 -36.57 -40.11
CA ASN D 38 12.25 -36.13 -36.55
CA PHE D 39 11.20 -33.15 -34.45
CA ALA D 40 14.23 -34.18 -32.42
CA ASP D 41 16.41 -33.22 -35.38
CA HIS D 42 14.86 -29.76 -35.36
CA LEU D 43 15.52 -29.34 -31.63
CA MET D 44 19.11 -30.50 -32.00
CA ARG D 45 19.80 -27.73 -34.53
CA LEU D 46 18.72 -25.26 -31.85
CA GLY D 47 20.61 -26.98 -29.05
CA ALA D 48 17.28 -27.56 -27.33
CA TYR D 49 17.27 -31.38 -27.25
CA LEU D 50 18.06 -33.91 -24.51
CA THR D 51 21.26 -34.84 -26.37
CA ARG D 52 23.50 -31.86 -27.10
CA LEU D 53 25.57 -32.34 -30.24
CA HIS D 54 28.41 -29.83 -30.65
CA PRO D 55 28.65 -28.26 -34.11
CA PRO D 56 29.76 -28.74 -36.71
CA PHE D 57 27.78 -31.90 -37.45
CA ILE D 58 25.74 -33.63 -40.13
CA PRO D 59 22.04 -33.70 -39.16
CA GLY D 60 20.06 -36.90 -39.65
CA MET D 61 19.76 -39.87 -37.28
CA GLU D 62 17.29 -42.20 -38.98
CA VAL D 63 18.94 -43.72 -42.04
CA VAL D 64 18.15 -46.35 -44.68
CA GLY D 65 20.79 -47.61 -47.09
CA VAL D 66 22.79 -50.33 -48.77
CA VAL D 67 25.71 -52.39 -47.51
CA GLU D 68 27.13 -54.97 -49.94
CA GLY D 69 23.93 -55.21 -51.96
CA ARG D 70 21.61 -55.46 -48.94
CA ARG D 71 19.35 -52.67 -47.61
CA TYR D 72 19.24 -51.85 -43.89
CA ALA D 73 17.71 -49.23 -41.62
CA ALA D 74 19.73 -47.69 -38.80
CA LEU D 75 19.70 -45.18 -35.98
CA VAL D 76 22.88 -43.13 -35.90
CA PRO D 77 23.77 -40.18 -33.63
CA GLN D 78 24.51 -37.99 -36.65
CA GLY D 79 25.72 -38.16 -40.25
CA GLY D 80 22.38 -39.01 -41.83
CA LEU D 81 22.15 -36.28 -44.47
CA ALA D 82 25.17 -37.49 -46.42
CA GLU D 83 25.95 -39.91 -49.24
CA ARG D 84 27.63 -42.41 -46.93
CA VAL D 85 27.69 -43.07 -43.18
CA ALA D 86 29.76 -45.43 -41.03
CA VAL D 87 27.51 -47.64 -38.90
CA PRO D 88 28.20 -50.29 -36.23
CA LYS D 89 27.24 -53.70 -37.65
CA GLY D 90 25.27 -54.24 -34.46
CA ALA D 91 22.91 -51.30 -35.13
CA LEU D 92 21.93 -52.56 -38.60
CA LEU D 93 18.25 -53.40 -38.94
CA PRO D 94 17.31 -56.00 -41.62
CA LEU D 95 14.31 -55.11 -43.77
CA PRO D 96 11.68 -57.31 -45.47
CA GLU D 97 12.16 -57.78 -49.21
CA GLY D 98 10.33 -55.14 -51.20
CA LEU D 99 10.04 -52.54 -48.44
CA SER D 100 10.59 -49.18 -50.14
CA PRO D 101 13.43 -46.97 -48.84
CA GLU D 102 10.94 -44.25 -47.89
CA GLU D 103 8.65 -46.49 -45.85
CA ALA D 104 11.71 -48.03 -44.16
CA ALA D 105 12.99 -44.55 -43.20
CA ALA D 106 9.70 -43.82 -41.43
CA PHE D 107 9.90 -46.92 -39.24
CA PRO D 108 12.75 -46.99 -36.63
CA VAL D 109 12.05 -44.01 -34.37
CA SER D 110 8.98 -43.91 -33.71
CA PHE D 111 8.42 -47.60 -33.10
CA LEU D 112 11.34 -48.10 -30.76
CA THR D 113 10.18 -45.06 -28.79
CA ALA D 114 6.59 -46.27 -28.57
CA TYR D 115 7.44 -49.84 -27.62
CA LEU D 116 10.18 -48.98 -25.11
CA ALA D 117 7.96 -46.30 -23.61
CA LEU D 118 5.04 -48.69 -23.13
CA LYS D 119 7.33 -51.55 -22.13
CA ARG D 120 8.87 -49.36 -19.42
CA ALA D 121 5.46 -48.27 -18.10
CA GLN D 122 4.70 -52.00 -17.90
CA ALA D 123 1.66 -51.73 -20.19
CA ARG D 124 -0.45 -54.85 -19.75
CA PRO D 125 -3.07 -56.33 -22.15
CA GLY D 126 -6.43 -54.58 -21.79
CA GLU D 127 -4.98 -51.42 -20.26
CA LYS D 128 -6.23 -47.98 -21.39
CA VAL D 129 -3.68 -45.70 -23.06
CA LEU D 130 -3.91 -42.13 -24.30
CA VAL D 131 -1.84 -41.31 -27.39
CA GLN D 132 -1.38 -37.65 -28.26
CA ALA D 133 -0.49 -36.07 -31.61
CA ALA D 134 -1.98 -39.37 -32.77
CA ALA D 135 -1.73 -38.46 -36.46
CA GLY D 136 2.01 -37.79 -36.31
CA ALA D 137 5.06 -40.00 -36.72
CA LEU D 138 5.29 -41.11 -33.10
CA GLY D 139 1.52 -41.12 -32.66
CA THR D 140 0.63 -43.40 -35.56
CA ALA D 141 3.44 -45.70 -34.47
CA ALA D 142 2.19 -45.60 -30.87
CA VAL D 143 -1.36 -46.57 -31.79
CA GLN D 144 -0.17 -49.55 -33.83
CA VAL D 145 2.30 -50.73 -31.20
CA ALA D 146 -0.18 -50.33 -28.35
CA ARG D 147 -2.71 -52.32 -30.39
CA ALA D 148 -0.22 -55.13 -31.00
CA MET D 149 0.41 -55.19 -27.26
CA GLY D 150 -3.32 -55.67 -26.76
CA LEU D 151 -3.96 -52.22 -25.31
CA ARG D 152 -7.11 -50.10 -25.55
CA VAL D 153 -6.15 -46.87 -27.33
CA LEU D 154 -7.65 -43.40 -26.97
CA ALA D 155 -6.13 -41.20 -29.67
CA ALA D 156 -6.09 -37.43 -29.52
CA ALA D 157 -5.13 -34.71 -32.00
CA SER D 158 -5.70 -30.97 -32.50
CA ARG D 159 -8.02 -30.91 -35.53
CA PRO D 160 -11.03 -33.13 -36.29
CA GLU D 161 -9.47 -33.84 -39.70
CA LYS D 162 -6.53 -35.56 -37.96
CA LEU D 163 -8.68 -38.13 -36.16
CA ALA D 164 -9.58 -40.46 -39.05
CA LEU D 165 -6.06 -41.95 -39.31
CA PRO D 166 -5.59 -42.94 -35.64
CA LEU D 167 -9.13 -44.37 -35.59
CA ALA D 168 -8.25 -46.35 -38.71
CA LEU D 169 -5.03 -47.61 -37.10
CA GLY D 170 -7.05 -49.26 -34.33
CA ALA D 171 -7.84 -46.61 -31.72
CA GLU D 172 -11.04 -47.38 -29.75
CA GLU D 173 -11.92 -43.69 -29.89
CA ALA D 174 -10.25 -40.60 -31.34
CA ALA D 175 -10.75 -37.12 -29.91
CA THR D 176 -9.63 -33.50 -30.08
CA TYR D 177 -7.61 -32.28 -27.12
CA ALA D 178 -10.57 -30.26 -25.82
CA GLU D 179 -12.71 -33.41 -25.52
CA VAL D 180 -10.09 -35.75 -24.04
CA PRO D 181 -11.10 -34.91 -20.44
CA GLU D 182 -14.67 -36.10 -21.00
CA ARG D 183 -13.48 -39.20 -22.88
CA ALA D 184 -11.03 -40.13 -20.12
CA LYS D 185 -13.90 -39.92 -17.63
CA ALA D 186 -16.11 -42.02 -19.92
CA TRP D 187 -13.30 -44.60 -20.02
CA GLY D 188 -13.09 -44.69 -16.24
CA GLY D 189 -9.73 -42.96 -16.34
CA LEU D 190 -6.59 -44.02 -18.17
CA ASP D 191 -3.92 -46.50 -17.10
CA LEU D 192 -1.27 -44.88 -19.29
CA VAL D 193 -0.56 -41.59 -21.03
CA LEU D 194 2.18 -41.04 -23.63
CA GLU D 195 2.92 -37.35 -23.13
CA VAL D 196 4.40 -35.40 -26.06
CA ARG D 197 2.48 -32.14 -25.60
CA GLY D 198 4.21 -31.41 -22.30
CA LYS D 199 2.28 -28.21 -21.55
CA GLU D 200 -0.39 -28.73 -18.89
CA VAL D 201 1.05 -32.06 -17.71
CA GLU D 202 -0.88 -31.62 -14.45
CA GLU D 203 -4.01 -31.94 -16.57
CA SER D 204 -2.81 -35.17 -18.16
CA LEU D 205 -2.23 -36.56 -14.67
CA GLY D 206 -5.86 -35.81 -13.86
CA LEU D 207 -6.89 -38.24 -16.62
CA LEU D 208 -5.21 -41.20 -14.92
CA ALA D 209 -6.93 -43.87 -12.85
CA HIS D 210 -5.40 -45.48 -9.74
CA GLY D 211 -2.00 -46.93 -10.55
CA GLY D 212 -1.78 -44.86 -13.71
CA ARG D 213 1.47 -43.88 -15.37
CA LEU D 214 2.50 -40.97 -17.57
CA VAL D 215 5.52 -41.31 -19.86
CA TYR D 216 7.06 -37.92 -20.55
CA ILE D 217 8.42 -38.06 -24.11
CA ALA D 218 2.86 -28.94 -12.76
CA PRO D 219 4.22 -31.26 -9.99
CA ILE D 220 2.83 -34.69 -9.09
CA PRO D 221 1.47 -35.22 -5.56
CA PRO D 222 3.04 -38.42 -4.10
CA LEU D 223 -0.09 -39.86 -2.47
CA ARG D 224 -2.42 -39.99 -5.44
CA LEU D 225 -0.01 -42.70 -6.58
CA MET D 226 -0.36 -44.81 -3.44
CA ARG D 227 -4.10 -45.47 -3.31
CA ARG D 228 -3.95 -47.24 -6.66
CA ASN D 229 -0.32 -48.36 -6.71
CA LEU D 230 0.29 -46.07 -9.69
CA ALA D 231 3.67 -45.33 -11.26
CA VAL D 232 5.15 -42.41 -13.15
CA LEU D 233 8.05 -43.25 -15.45
CA GLY D 234 10.21 -40.48 -16.86
CA PHE D 235 11.39 -41.27 -20.35
CA TRP D 236 14.23 -40.01 -22.56
CA LEU D 237 15.29 -41.96 -25.66
CA THR D 238 17.88 -42.90 -27.01
CA PRO D 239 19.03 -44.40 -23.67
CA LEU D 240 16.78 -47.41 -24.26
CA LEU D 241 18.65 -48.36 -27.45
CA ARG D 242 21.58 -49.39 -25.25
CA GLU D 243 19.50 -52.17 -23.67
CA GLY D 244 19.92 -55.23 -25.88
CA ALA D 245 17.16 -57.13 -24.08
CA LEU D 246 14.52 -54.44 -24.63
CA VAL D 247 15.44 -53.89 -28.27
CA GLU D 248 15.51 -57.58 -29.15
CA GLU D 249 12.06 -57.97 -27.57
CA ALA D 250 10.64 -54.96 -29.42
CA LEU D 251 12.12 -56.04 -32.75
CA GLY D 252 10.88 -59.56 -32.16
CA PHE D 253 7.41 -58.08 -32.14
CA LEU D 254 7.72 -55.30 -34.72
CA LEU D 255 9.84 -56.88 -37.49
CA PRO D 256 7.61 -59.87 -38.29
CA ARG D 257 4.86 -57.29 -38.76
CA LEU D 258 6.75 -54.70 -40.82
CA GLY D 259 5.34 -54.48 -44.30
CA ARG D 260 2.29 -56.44 -43.25
CA GLU D 261 0.05 -55.18 -40.46
CA LEU D 262 2.57 -52.42 -39.69
CA ARG D 263 2.91 -49.97 -42.56
CA PRO D 264 4.86 -46.77 -41.76
CA VAL D 265 3.10 -43.71 -43.19
CA VAL D 266 5.38 -41.71 -45.50
CA GLY D 267 4.50 -38.03 -45.74
CA PRO D 268 6.27 -35.26 -47.68
CA VAL D 269 9.27 -36.65 -49.53
CA PHE D 270 12.05 -34.17 -50.29
CA PRO D 271 15.03 -34.56 -52.65
CA PHE D 272 18.51 -34.31 -51.08
CA ALA D 273 18.84 -30.77 -52.46
CA GLU D 274 15.78 -29.59 -50.50
CA ALA D 275 17.03 -30.45 -47.01
CA GLU D 276 16.16 -27.04 -45.55
CA ALA D 277 12.64 -27.37 -46.92
CA ALA D 278 12.25 -30.82 -45.30
CA PHE D 279 13.29 -29.42 -41.92
CA ARG D 280 10.58 -26.74 -42.19
CA ALA D 281 8.05 -29.44 -43.04
CA LEU D 282 8.73 -30.80 -39.55
CA LEU D 283 7.23 -27.54 -38.31
CA ASP D 284 4.25 -27.58 -40.66
CA ARG D 285 1.45 -29.05 -38.53
CA GLY D 286 -0.38 -29.50 -41.83
CA HIS D 287 1.83 -32.34 -43.03
CA THR D 288 0.86 -35.93 -42.20
CA GLY D 289 3.11 -38.92 -41.75
CA LYS D 290 6.91 -38.97 -41.78
CA VAL D 291 9.05 -36.30 -43.44
CA VAL D 292 11.62 -38.10 -45.56
CA VAL D 293 14.65 -36.96 -47.54
CA ARG D 294 15.38 -39.15 -50.57
CA LEU D 295 18.84 -39.29 -52.14
CA MET E 1 -21.04 -54.64 13.14
CA ASN E 2 -22.36 -55.84 16.48
CA PHE E 3 -25.93 -56.21 15.22
CA GLU E 4 -25.04 -58.76 12.55
CA GLY E 5 -27.61 -61.54 12.41
CA LYS E 6 -30.24 -59.46 14.17
CA ILE E 7 -33.49 -58.26 12.60
CA ALA E 8 -34.90 -54.91 13.65
CA LEU E 9 -38.38 -53.49 13.06
CA VAL E 10 -38.49 -49.68 13.28
CA THR E 11 -41.87 -48.01 12.97
CA GLY E 12 -42.14 -44.48 11.55
CA ALA E 13 -38.76 -44.65 9.83
CA SER E 14 -39.60 -42.11 7.13
CA ARG E 15 -37.77 -39.14 8.53
CA GLY E 16 -36.05 -37.67 11.57
CA ILE E 17 -35.44 -39.82 14.61
CA GLY E 18 -37.02 -42.90 13.05
CA ARG E 19 -34.75 -42.79 10.01
CA ALA E 20 -31.62 -42.04 12.08
CA ILE E 21 -32.42 -45.09 14.18
CA ALA E 22 -32.97 -47.27 11.13
CA GLU E 23 -29.76 -46.10 9.43
CA THR E 24 -27.72 -46.52 12.62
CA LEU E 25 -28.89 -50.09 13.28
CA ALA E 26 -28.29 -50.90 9.60
CA ALA E 27 -24.82 -49.35 9.66
CA ARG E 28 -24.03 -51.63 12.59
CA GLY E 29 -25.03 -54.82 10.80
CA ALA E 30 -28.74 -55.32 11.48
CA LYS E 31 -31.28 -56.21 8.80
CA VAL E 32 -33.75 -53.35 9.12
CA ILE E 33 -37.42 -53.15 8.30
CA GLY E 34 -38.64 -49.56 8.55
CA THR E 35 -42.34 -48.72 8.27
CA ALA E 36 -44.54 -45.89 7.00
CA THR E 37 -48.33 -45.46 6.85
CA SER E 38 -48.45 -45.21 3.05
CA GLU E 39 -47.09 -47.34 0.22
CA ASN E 40 -45.03 -44.54 -1.30
CA GLY E 41 -43.57 -43.88 2.15
CA ALA E 42 -42.41 -47.49 2.49
CA GLN E 43 -40.69 -47.33 -0.89
CA ALA E 44 -38.70 -44.26 0.14
CA ILE E 45 -37.52 -46.24 3.17
CA SER E 46 -36.64 -49.13 0.87
CA ASP E 47 -34.52 -46.80 -1.19
CA TYR E 48 -32.35 -45.48 1.63
CA LEU E 49 -31.97 -48.86 3.35
CA GLY E 50 -30.75 -50.41 0.12
CA ALA E 51 -29.41 -53.92 0.65
CA ASN E 52 -29.54 -53.58 4.47
CA GLY E 53 -33.29 -53.79 4.73
CA LYS E 54 -36.70 -52.94 3.36
CA GLY E 55 -39.59 -50.55 3.91
CA LEU E 56 -43.11 -51.83 4.54
CA MET E 57 -46.44 -50.07 5.01
CA LEU E 58 -47.83 -50.61 8.49
CA ASN E 59 -50.86 -49.23 10.25
CA VAL E 60 -50.38 -49.86 13.98
CA THR E 61 -54.06 -49.08 14.52
CA ASP E 62 -54.97 -52.16 12.46
CA PRO E 63 -54.23 -55.55 14.10
CA ALA E 64 -54.65 -57.09 10.61
CA SER E 65 -51.88 -54.85 9.30
CA ILE E 66 -49.54 -55.83 12.13
CA GLU E 67 -49.78 -59.56 11.49
CA SER E 68 -49.56 -58.92 7.74
CA VAL E 69 -46.28 -57.01 8.15
CA LEU E 70 -44.84 -59.54 10.61
CA GLU E 71 -45.68 -62.30 8.12
CA LYS E 72 -43.85 -60.52 5.29
CA ILE E 73 -40.80 -60.02 7.52
CA ARG E 74 -40.79 -63.64 8.62
CA ALA E 75 -40.98 -64.73 4.99
CA GLU E 76 -38.05 -62.61 3.83
CA PHE E 77 -35.78 -62.23 6.86
CA GLY E 78 -36.99 -64.13 9.90
CA GLU E 79 -38.10 -63.30 13.43
CA VAL E 80 -37.91 -59.77 14.82
CA ASP E 81 -35.11 -59.45 17.43
CA ILE E 82 -35.34 -55.67 17.98
CA LEU E 83 -38.54 -53.59 18.06
CA VAL E 84 -38.35 -49.81 18.04
CA ASN E 85 -41.64 -47.94 18.43
CA ASN E 86 -41.04 -44.50 17.02
CA ALA E 87 -43.60 -41.82 17.80
CA GLY E 88 -44.83 -39.68 14.96
CA ILE E 89 -44.44 -35.91 14.76
CA THR E 90 -46.56 -34.41 17.51
CA ARG E 91 -48.67 -31.40 16.69
CA ASP E 92 -49.38 -29.73 20.04
CA ASN E 93 -52.80 -28.63 21.31
CA LEU E 94 -54.62 -27.94 24.59
CA LEU E 95 -56.26 -30.66 26.67
CA MET E 96 -59.56 -28.89 27.32
CA ARG E 97 -59.81 -28.10 23.63
CA MET E 98 -59.10 -31.54 22.19
CA LYS E 99 -62.09 -33.64 20.96
CA ASP E 100 -62.75 -37.38 21.51
CA GLU E 101 -61.51 -37.84 17.97
CA GLU E 102 -57.96 -36.61 18.65
CA TRP E 103 -57.84 -38.07 22.17
CA ASN E 104 -58.81 -41.51 20.91
CA ASP E 105 -56.39 -41.28 17.99
CA ILE E 106 -53.46 -40.42 20.24
CA ILE E 107 -54.19 -43.23 22.70
CA GLU E 108 -54.68 -45.69 19.83
CA THR E 109 -51.51 -44.62 18.01
CA ASN E 110 -49.30 -43.83 20.98
CA LEU E 111 -50.30 -46.28 23.70
CA SER E 112 -52.42 -49.20 22.57
CA SER E 113 -50.36 -49.72 19.42
CA VAL E 114 -47.18 -50.32 21.44
CA PHE E 115 -49.14 -52.90 23.42
CA ARG E 116 -50.31 -54.64 20.26
CA LEU E 117 -46.89 -54.63 18.60
CA SER E 118 -45.01 -55.81 21.69
CA LYS E 119 -47.54 -58.60 22.05
CA ALA E 120 -47.08 -59.64 18.43
CA VAL E 121 -43.29 -60.00 18.65
CA MET E 122 -42.79 -61.38 22.18
CA ARG E 123 -43.17 -65.09 21.50
CA ALA E 124 -40.38 -65.26 18.94
CA MET E 125 -38.25 -63.25 21.40
CA MET E 126 -38.96 -65.63 24.26
CA LYS E 127 -38.18 -68.77 22.28
CA LYS E 128 -34.77 -67.23 21.57
CA ARG E 129 -34.36 -66.03 25.14
CA HIS E 130 -33.35 -62.72 23.62
CA GLY E 131 -35.12 -59.51 22.68
CA ARG E 132 -35.17 -55.73 22.74
CA ILE E 133 -38.19 -53.46 22.82
CA ILE E 134 -37.47 -49.73 22.79
CA THR E 135 -40.13 -47.05 22.62
CA ILE E 136 -39.30 -43.47 21.66
CA GLY E 137 -41.21 -40.77 23.49
CA GLY E 138 -47.53 -27.46 25.83
CA GLN E 139 -47.50 -31.05 24.50
CA ALA E 140 -50.36 -31.78 26.88
CA ASN E 141 -52.46 -33.68 24.36
CA TYR E 142 -49.72 -36.36 24.28
CA ALA E 143 -49.03 -36.35 28.06
CA ALA E 144 -51.47 -39.12 29.16
CA ALA E 145 -50.48 -41.55 26.49
CA LYS E 146 -46.82 -40.76 27.22
CA ALA E 147 -47.09 -41.52 30.93
CA GLY E 148 -49.15 -44.64 30.25
CA LEU E 149 -46.50 -45.78 27.84
CA ILE E 150 -43.76 -45.54 30.46
CA GLY E 151 -45.98 -47.33 32.97
CA PHE E 152 -46.68 -50.08 30.47
CA SER E 153 -42.98 -50.51 29.66
CA LYS E 154 -41.87 -50.76 33.28
CA SER E 155 -44.57 -53.33 33.90
CA LEU E 156 -43.82 -55.35 30.77
CA ALA E 157 -40.11 -55.13 31.53
CA ARG E 158 -40.73 -56.82 34.86
CA GLU E 159 -42.76 -59.56 33.21
CA VAL E 160 -40.33 -60.61 30.45
CA ALA E 161 -36.97 -59.88 32.06
CA SER E 162 -36.24 -63.49 33.01
CA ARG E 163 -36.64 -64.47 29.36
CA GLY E 164 -33.75 -62.24 28.21
CA ILE E 165 -35.87 -59.44 26.83
CA THR E 166 -35.34 -55.84 27.86
CA VAL E 167 -37.99 -53.15 27.50
CA ASN E 168 -36.86 -49.54 27.67
CA VAL E 169 -37.95 -46.02 26.78
CA VAL E 170 -35.91 -43.22 25.26
CA ALA E 171 -37.36 -39.77 26.03
CA PRO E 172 -35.93 -37.11 23.68
CA GLY E 173 -36.09 -33.43 24.54
CA PHE E 174 -35.87 -30.57 22.04
CA ILE E 175 -34.67 -31.99 18.75
CA GLU E 176 -33.70 -30.20 15.53
CA THR E 177 -36.49 -30.86 13.01
CA SER E 178 -37.75 -17.82 13.86
CA ASP E 179 -34.83 -16.81 16.09
CA ASP E 180 -36.71 -14.99 18.86
CA GLN E 181 -38.79 -18.13 19.31
CA ARG E 182 -35.53 -20.06 18.95
CA ALA E 183 -33.99 -18.32 21.96
CA GLY E 184 -37.20 -19.02 23.88
CA ILE E 185 -36.71 -22.74 23.34
CA LEU E 186 -32.95 -22.72 23.83
CA ALA E 187 -33.41 -20.87 27.13
CA GLN E 188 -35.17 -23.95 28.46
CA VAL E 189 -32.11 -26.11 27.70
CA PRO E 190 -29.08 -25.99 30.05
CA ALA E 191 -26.85 -27.24 27.27
CA GLY E 192 -27.99 -24.30 25.13
CA ARG E 193 -28.61 -26.19 21.84
CA LEU E 194 -31.07 -28.58 20.23
CA GLY E 195 -30.24 -32.25 20.04
CA GLY E 196 -29.66 -34.07 16.79
CA ALA E 197 -31.79 -36.96 15.58
CA GLN E 198 -28.57 -39.00 15.58
CA GLU E 199 -28.13 -38.45 19.31
CA ILE E 200 -31.42 -40.24 20.02
CA ALA E 201 -30.33 -42.98 17.59
CA ASN E 202 -27.02 -43.46 19.46
CA ALA E 203 -28.93 -44.02 22.72
CA VAL E 204 -31.32 -46.46 21.04
CA ALA E 205 -28.40 -48.35 19.43
CA PHE E 206 -26.80 -48.65 22.87
CA LEU E 207 -29.94 -50.03 24.57
CA ALA E 208 -30.51 -52.47 21.70
CA SER E 209 -26.98 -53.92 21.98
CA ASP E 210 -25.65 -56.67 24.25
CA GLU E 211 -23.92 -54.14 26.48
CA ALA E 212 -27.26 -53.06 27.93
CA ALA E 213 -28.48 -56.59 28.62
CA TYR E 214 -28.89 -55.68 32.29
CA ILE E 215 -30.76 -52.43 31.63
CA THR E 216 -34.54 -52.81 31.56
CA GLY E 217 -37.62 -50.86 32.62
CA GLU E 218 -35.53 -47.73 32.32
CA THR E 219 -36.45 -44.36 30.77
CA LEU E 220 -33.33 -42.81 29.25
CA HIS E 221 -33.74 -39.07 28.82
CA VAL E 222 -31.73 -37.41 26.06
CA ASN E 223 -32.68 -33.81 26.62
CA GLY E 224 -29.52 -31.85 27.38
CA GLY E 225 -30.42 -31.21 31.01
CA MET E 226 -33.90 -29.85 30.27
CA MET F 1 -10.04 51.83 20.52
CA LYS F 2 -11.77 49.22 22.69
CA ARG F 3 -9.97 47.36 25.47
CA VAL F 4 -9.85 43.57 25.39
CA VAL F 5 -9.90 41.02 28.21
CA ILE F 6 -9.94 37.25 28.73
CA THR F 7 -12.94 36.05 30.72
CA GLY F 8 -12.78 32.28 30.41
CA LEU F 9 -10.49 29.42 29.52
CA GLY F 10 -10.55 25.72 28.70
CA ILE F 11 -7.76 23.26 28.05
CA VAL F 12 -6.97 19.63 27.28
CA SER F 13 -3.23 18.99 27.45
CA SER F 14 -0.49 16.50 28.28
CA ILE F 15 -0.37 17.83 31.86
CA GLY F 16 -4.09 18.01 32.63
CA ASN F 17 -7.63 17.76 31.24
CA ASN F 18 -8.87 21.00 32.80
CA GLN F 19 -7.39 24.07 34.49
CA GLN F 20 -7.37 22.52 37.98
CA GLU F 21 -5.26 19.58 36.80
CA VAL F 22 -3.04 21.88 34.76
CA LEU F 23 -2.52 24.24 37.70
CA ALA F 24 -1.45 21.30 39.88
CA SER F 25 1.04 20.04 37.30
CA LEU F 26 2.55 23.51 36.80
CA ARG F 27 3.15 23.96 40.52
CA GLU F 28 4.71 20.51 40.87
CA GLY F 29 6.84 20.70 37.73
CA ARG F 30 5.20 17.46 36.64
CA SER F 31 6.09 16.05 33.22
CA GLY F 32 3.33 15.08 30.80
CA ILE F 33 5.71 13.15 28.54
CA THR F 34 5.39 9.39 28.13
CA PHE F 35 6.83 6.59 26.02
CA SER F 36 4.88 5.93 22.81
CA GLN F 37 4.60 2.39 21.47
CA GLU F 38 2.87 3.89 18.43
CA LEU F 39 5.81 6.06 17.45
CA LYS F 40 8.24 3.20 17.97
CA ASP F 41 6.23 0.72 15.87
CA SER F 42 6.08 3.26 13.06
CA GLY F 43 9.84 3.04 12.71
CA MET F 44 10.66 6.48 14.08
CA ARG F 45 13.74 7.27 16.19
CA SER F 46 11.81 9.47 18.64
CA HIS F 47 9.66 7.32 20.94
CA VAL F 48 8.31 9.94 23.33
CA TRP F 49 5.34 12.31 23.22
CA GLY F 50 3.08 14.59 25.24
CA ASN F 51 -0.18 12.69 24.92
CA VAL F 52 -3.61 13.68 26.19
CA LYS F 53 -4.51 11.25 28.97
CA LEU F 54 -8.25 11.14 28.28
CA ASP F 55 -10.70 8.81 26.58
CA THR F 56 -12.86 11.14 24.48
CA THR F 57 -15.31 8.38 23.58
CA GLY F 58 -18.90 9.50 24.03
CA LEU F 59 -18.04 12.98 25.30
CA ILE F 60 -19.50 14.65 22.20
CA ASP F 61 -22.86 14.02 20.53
CA ARG F 62 -22.74 11.38 17.78
CA LYS F 63 -24.22 13.66 15.13
CA VAL F 64 -21.60 16.28 15.91
CA VAL F 65 -18.43 14.24 16.41
CA ARG F 66 -18.85 12.28 13.15
CA PHE F 67 -17.42 15.28 11.27
CA MET F 68 -14.43 15.75 13.59
CA SER F 69 -10.77 14.74 13.83
CA ASP F 70 -8.86 14.81 17.13
CA ALA F 71 -7.72 18.43 16.76
CA SER F 72 -11.37 19.51 16.57
CA ILE F 73 -12.35 17.20 19.43
CA TYR F 74 -9.68 18.66 21.73
CA ALA F 75 -10.68 22.22 20.78
CA PHE F 76 -14.38 21.40 21.25
CA LEU F 77 -13.87 20.06 24.78
CA SER F 78 -11.72 23.10 25.57
CA MET F 79 -14.50 25.39 24.34
CA GLU F 80 -17.15 23.71 26.50
CA GLN F 81 -14.87 24.38 29.47
CA ALA F 82 -14.29 27.99 28.43
CA ILE F 83 -18.01 28.69 28.07
CA ALA F 84 -18.73 27.32 31.54
CA ASP F 85 -15.74 29.16 33.01
CA ALA F 86 -16.87 32.41 31.38
CA GLY F 87 -20.39 31.97 32.73
CA LEU F 88 -22.02 32.41 29.33
CA SER F 89 -25.48 30.99 28.65
CA PRO F 90 -26.71 29.86 25.20
CA GLU F 91 -29.16 32.76 24.87
CA ALA F 92 -26.23 35.16 25.15
CA TYR F 93 -23.67 33.72 22.72
CA GLN F 94 -25.70 31.63 20.26
CA ASN F 95 -27.26 33.06 17.09
CA ASN F 96 -25.49 36.32 17.96
CA PRO F 97 -23.81 38.27 15.09
CA ARG F 98 -21.48 39.92 17.60
CA VAL F 99 -19.96 36.59 18.73
CA GLY F 100 -17.36 34.80 16.62
CA LEU F 101 -14.74 32.06 16.57
CA ILE F 102 -11.14 32.00 15.33
CA ALA F 103 -9.34 28.72 15.97
CA GLY F 104 -6.98 26.55 13.98
CA SER F 105 -4.45 23.73 13.87
CA GLY F 106 -0.98 23.50 12.41
CA GLY F 107 -1.54 20.45 10.24
CA GLY F 108 -5.26 19.69 10.03
CA SER F 109 -5.52 15.91 10.11
CA PRO F 110 -2.67 13.88 8.57
CA ARG F 111 -4.28 10.79 10.09
CA PHE F 112 -7.56 11.13 8.25
CA GLN F 113 -5.97 12.32 5.03
CA VAL F 114 -3.84 9.16 5.01
CA PHE F 115 -6.89 7.12 6.00
CA GLY F 116 -8.80 8.39 2.98
CA ALA F 117 -5.91 7.72 0.59
CA ASP F 118 -5.38 4.22 2.02
CA ALA F 119 -9.11 3.42 1.83
CA MET F 120 -9.42 4.70 -1.73
CA ARG F 121 -6.58 2.44 -2.85
CA GLY F 122 -8.19 -0.70 -1.41
CA PRO F 123 -10.74 -2.85 -3.23
CA ARG F 124 -13.77 -0.98 -1.77
CA GLY F 125 -12.64 2.43 -3.05
CA LEU F 126 -15.08 5.31 -2.40
CA LYS F 127 -17.30 3.14 -0.20
CA ALA F 128 -14.39 2.64 2.20
CA VAL F 129 -13.54 6.35 2.31
CA GLY F 130 -16.94 7.41 3.62
CA PRO F 131 -18.53 10.90 3.46
CA TYR F 132 -16.82 12.49 6.49
CA VAL F 133 -13.15 12.78 5.58
CA VAL F 134 -13.27 16.31 4.14
CA THR F 135 -14.42 18.07 7.34
CA LYS F 136 -11.98 15.96 9.32
CA ALA F 137 -8.97 16.70 7.11
CA MET F 138 -9.56 20.23 5.78
CA ALA F 139 -7.28 22.90 7.26
CA SER F 140 -10.21 24.84 8.72
CA GLY F 141 -11.61 21.77 10.49
CA VAL F 142 -11.12 23.18 13.99
CA SER F 143 -13.15 26.34 13.33
CA ALA F 144 -15.77 24.73 11.08
CA CYS F 145 -16.52 21.85 13.49
CA LEU F 146 -16.99 24.23 16.41
CA ALA F 147 -18.74 27.26 14.92
CA THR F 148 -21.51 25.04 13.59
CA PRO F 149 -22.62 23.07 16.67
CA PHE F 150 -22.18 26.09 18.95
CA LYS F 151 -24.42 28.17 16.67
CA ILE F 152 -21.85 30.92 16.06
CA HIS F 153 -23.08 33.72 13.80
CA GLY F 154 -20.09 36.07 13.81
CA VAL F 155 -16.63 35.62 12.31
CA ASN F 156 -15.71 32.03 11.54
CA TYR F 157 -12.34 30.90 10.18
CA SER F 158 -8.97 29.44 11.13
CA ILE F 159 -5.59 31.10 11.19
CA SER F 160 -2.64 28.76 10.68
CA SER F 161 1.03 29.58 11.15
CA ALA F 162 2.76 26.42 12.29
CA SER F 163 3.89 26.72 15.93
CA ALA F 164 2.44 30.24 16.22
CA THR F 165 -1.04 29.20 15.04
CA SER F 166 -3.17 29.63 18.17
CA ALA F 167 -1.26 32.74 19.27
CA HIS F 168 -2.22 34.48 16.02
CA CYS F 169 -5.81 33.30 16.51
CA ILE F 170 -5.91 35.09 19.86
CA GLY F 171 -4.27 38.17 18.37
CA ASN F 172 -6.67 38.36 15.45
CA ALA F 173 -9.55 37.98 17.92
CA VAL F 174 -8.24 41.01 19.80
CA GLU F 175 -8.24 42.93 16.52
CA GLN F 176 -11.87 42.02 15.74
CA ILE F 177 -12.90 43.55 19.06
CA GLN F 178 -10.69 46.62 18.64
CA LEU F 179 -12.30 47.12 15.23
CA GLY F 180 -15.67 47.05 17.00
CA LYS F 181 -16.94 44.14 14.90
CA GLN F 182 -17.36 41.61 17.72
CA ASP F 183 -18.03 41.68 21.48
CA ILE F 184 -16.83 38.12 22.09
CA VAL F 185 -14.59 35.82 20.10
CA PHE F 186 -13.66 32.29 21.13
CA ALA F 187 -9.99 31.89 20.20
CA GLY F 188 -7.65 28.91 20.35
CA GLY F 189 -6.81 25.74 18.51
CA GLY F 190 -6.02 22.04 18.63
CA GLU F 191 -3.61 19.48 17.20
CA GLU F 192 -3.87 15.72 16.87
CA LEU F 193 -1.03 13.42 17.93
CA CYS F 194 -0.10 10.57 15.54
CA TRP F 195 2.84 8.95 13.78
CA GLU F 196 1.46 10.06 10.41
CA MET F 197 2.41 13.62 11.35
CA ALA F 198 5.28 12.98 13.77
CA CYS F 199 7.39 11.01 11.29
CA GLU F 200 7.84 14.08 9.07
CA PHE F 201 9.43 15.93 12.00
CA ASP F 202 11.66 12.98 12.86
CA ALA F 203 12.63 12.90 9.17
CA MET F 204 13.92 16.48 9.37
CA GLY F 205 15.76 15.66 12.60
CA ALA F 206 13.66 18.01 14.72
CA LEU F 207 12.61 15.52 17.42
CA SER F 208 14.45 14.28 20.52
CA THR F 209 15.90 10.79 20.09
CA LYS F 210 18.49 10.43 22.85
CA TYR F 211 16.18 10.03 25.86
CA ASN F 212 13.63 7.38 24.90
CA ASP F 213 14.48 5.32 28.00
CA THR F 214 13.76 8.24 30.35
CA PRO F 215 10.71 9.93 28.70
CA GLU F 216 10.26 12.62 31.35
CA LYS F 217 13.76 13.98 30.76
CA ALA F 218 13.68 14.24 26.96
CA SER F 219 12.20 17.77 26.80
CA ARG F 220 14.91 19.89 28.43
CA THR F 221 14.82 23.49 27.18
CA TYR F 222 18.11 25.32 27.89
CA ASP F 223 19.92 22.16 29.00
CA ALA F 224 23.34 21.80 27.37
CA HIS F 225 22.42 18.36 26.07
CA ARG F 226 18.99 19.03 24.57
CA ASP F 227 18.48 17.28 21.22
CA GLY F 228 15.16 18.42 19.74
CA PHE F 229 11.58 18.88 20.84
CA VAL F 230 9.05 16.32 22.04
CA ILE F 231 5.91 16.37 19.91
CA ALA F 232 2.60 16.75 21.73
CA GLY F 233 -1.12 17.11 21.11
CA GLY F 234 -4.14 18.74 22.67
CA GLY F 235 -6.25 21.86 22.56
CA GLY F 236 -7.10 25.12 24.26
CA MET F 237 -9.57 27.97 24.05
CA VAL F 238 -9.98 31.37 25.68
CA VAL F 239 -12.87 33.81 25.68
CA VAL F 240 -11.67 37.13 24.28
CA GLU F 241 -14.14 39.86 25.21
CA GLU F 242 -14.62 43.64 24.97
CA LEU F 243 -14.07 45.27 28.38
CA GLU F 244 -17.37 47.11 28.88
CA HIS F 245 -19.31 44.07 27.69
CA ALA F 246 -17.48 41.95 30.27
CA LEU F 247 -17.99 44.44 33.10
CA ALA F 248 -21.67 44.79 32.19
CA ARG F 249 -22.34 41.08 32.70
CA GLY F 250 -20.21 40.79 35.83
CA ALA F 251 -17.66 38.54 34.17
CA HIS F 252 -14.57 37.26 35.96
CA ILE F 253 -11.62 38.91 34.24
CA TYR F 254 -8.31 37.01 34.22
CA ALA F 255 -6.36 39.75 32.48
CA GLU F 256 -6.33 42.42 29.80
CA ILE F 257 -4.48 41.84 26.54
CA VAL F 258 -2.35 44.98 26.36
CA GLY F 259 0.02 43.92 23.61
CA TYR F 260 0.10 41.78 20.47
CA GLY F 261 2.99 41.50 18.06
CA ALA F 262 3.07 39.67 14.74
CA THR F 263 6.11 39.81 12.49
CA SER F 264 8.06 37.84 9.89
CA ASP F 265 11.76 36.88 9.64
CA GLY F 266 11.98 36.66 5.86
CA ALA F 267 15.09 34.54 6.35
CA ASP F 268 15.17 30.77 7.00
CA MET F 269 12.35 28.27 6.46
CA VAL F 270 12.95 26.25 9.62
CA ALA F 271 15.20 28.29 11.92
CA PRO F 272 14.41 31.62 13.63
CA SER F 273 16.52 34.62 12.65
CA GLY F 274 16.17 36.24 16.07
CA GLU F 275 15.83 39.62 14.38
CA GLY F 276 12.14 39.05 13.70
CA ALA F 277 11.59 38.06 17.32
CA VAL F 278 13.16 41.31 18.53
CA ARG F 279 10.71 43.34 16.43
CA CYS F 280 7.81 41.14 17.53
CA MET F 281 8.45 41.52 21.26
CA LYS F 282 9.00 45.26 20.89
CA MET F 283 5.77 45.63 18.93
CA ALA F 284 3.91 43.81 21.69
CA MET F 285 5.43 46.08 24.34
CA HIS F 286 4.55 49.35 22.64
CA GLY F 287 2.40 51.43 24.95
CA VAL F 288 2.87 48.97 27.82
CA ASP F 289 4.30 51.04 30.64
CA THR F 290 4.70 48.36 33.30
CA PRO F 291 7.68 45.96 33.36
CA ILE F 292 7.36 42.38 32.14
CA ASP F 293 7.43 40.27 35.30
CA TYR F 294 7.46 36.89 33.62
CA LEU F 295 8.09 35.59 30.12
CA ASN F 296 6.86 32.19 28.92
CA SER F 297 9.36 31.50 26.16
CA HIS F 298 8.81 29.58 22.94
CA GLY F 299 11.74 27.40 24.05
CA THR F 300 11.13 24.07 22.33
CA SER F 301 14.37 22.40 23.53
CA THR F 302 16.24 22.63 20.23
CA PRO F 303 19.96 23.49 19.93
CA VAL F 304 19.59 26.60 17.75
CA GLY F 305 16.09 27.81 18.57
CA ASP F 306 16.46 28.01 22.34
CA VAL F 307 19.46 30.35 22.19
CA LYS F 308 18.27 32.43 19.23
CA GLU F 309 15.30 33.44 21.39
CA LEU F 310 17.48 34.11 24.46
CA ALA F 311 19.65 36.38 22.32
CA ALA F 312 16.53 38.23 21.19
CA ILE F 313 15.43 38.60 24.80
CA ARG F 314 18.79 40.14 25.78
CA GLU F 315 18.59 42.71 22.96
CA VAL F 316 15.02 43.66 23.84
CA PHE F 317 15.39 43.91 27.61
CA GLY F 318 19.03 44.90 27.99
CA ASP F 319 19.92 44.54 31.67
CA LYS F 320 16.26 44.50 32.75
CA SER F 321 15.28 40.97 31.66
CA PRO F 322 12.25 39.23 33.25
CA ALA F 323 11.94 35.89 35.00
CA ILE F 324 11.86 33.21 32.29
CA SER F 325 10.71 29.58 32.09
CA ALA F 326 9.92 27.21 29.23
CA THR F 327 6.87 25.13 30.08
CA LYS F 328 7.49 22.92 27.03
CA ALA F 329 10.06 21.13 29.22
CA MET F 330 7.04 19.73 31.10
CA THR F 331 4.40 19.58 28.35
CA GLY F 332 6.17 18.99 25.06
CA HIS F 333 5.51 20.94 21.85
CA SER F 334 1.79 20.87 20.94
CA LEU F 335 2.47 22.74 17.69
CA GLY F 336 -0.71 24.52 16.60
CA ALA F 337 -2.07 24.28 20.14
CA ALA F 338 1.06 25.64 21.82
CA GLY F 339 0.12 29.32 21.57
CA VAL F 340 -3.22 29.13 23.36
CA GLN F 341 -2.14 26.53 25.90
CA GLU F 342 0.90 28.56 26.90
CA ALA F 343 -1.18 31.73 27.07
CA ILE F 344 -3.37 29.75 29.46
CA TYR F 345 -0.42 28.59 31.59
CA SER F 346 0.68 32.22 31.79
CA LEU F 347 -2.81 33.32 32.81
CA LEU F 348 -2.85 30.71 35.58
CA MET F 349 0.50 31.93 36.87
CA LEU F 350 -0.83 35.49 36.79
CA GLU F 351 -4.08 34.45 38.53
CA HIS F 352 -2.48 32.36 41.28
CA GLY F 353 0.75 34.29 41.74
CA PHE F 354 3.53 31.85 40.93
CA ILE F 355 6.11 31.09 38.30
CA ALA F 356 6.16 27.55 36.90
CA PRO F 357 9.68 26.04 36.76
CA SER F 358 11.80 25.37 33.68
CA ILE F 359 12.62 21.75 34.44
CA ASN F 360 15.27 19.26 33.35
CA ILE F 361 18.15 21.72 33.29
CA GLU F 362 21.14 19.69 34.47
CA GLU F 363 23.78 21.81 32.77
CA LEU F 364 22.71 25.29 31.75
CA ASP F 365 23.77 26.27 28.23
CA GLU F 366 26.61 28.82 28.18
CA GLN F 367 24.46 31.26 26.23
CA ALA F 368 21.82 31.24 28.96
CA ALA F 369 24.25 32.50 31.61
CA GLY F 370 23.19 35.61 33.52
CA LEU F 371 19.44 35.39 32.80
CA ASN F 372 16.86 34.56 35.44
CA ILE F 373 15.61 31.18 34.28
CA VAL F 374 13.43 29.91 37.12
CA THR F 375 14.07 26.23 37.90
CA GLU F 376 11.83 25.84 40.96
CA THR F 377 8.21 26.82 41.57
CA THR F 378 8.25 30.35 42.94
CA ASP F 379 5.47 32.27 44.65
CA ARG F 380 5.43 35.90 43.56
CA GLU F 381 2.81 38.50 42.72
CA LEU F 382 2.90 38.97 38.96
CA THR F 383 1.30 41.89 37.12
CA THR F 384 2.45 41.78 33.49
CA VAL F 385 3.37 38.60 31.59
CA MET F 386 4.58 37.87 28.04
CA SER F 387 4.33 34.72 25.90
CA ASN F 388 6.28 34.02 22.69
CA SER F 389 5.30 31.73 19.81
CA PHE F 390 7.50 31.28 16.73
CA GLY F 391 6.85 29.00 13.77
CA PHE F 392 8.43 27.56 10.62
CA GLY F 393 8.42 30.01 7.74
CA GLY F 394 9.70 32.70 10.08
CA THR F 395 6.32 33.66 11.54
CA ASN F 396 6.36 35.31 14.97
CA ALA F 397 3.73 36.14 17.58
CA THR F 398 3.94 37.70 21.03
CA LEU F 399 1.15 38.31 23.51
CA VAL F 400 1.39 40.53 26.58
CA MET F 401 -1.27 40.22 29.28
CA ARG F 402 -1.74 42.29 32.41
CA LYS F 403 -3.91 42.19 35.53
CA LEU F 404 -6.79 44.62 35.50
CA LYS F 405 -6.66 47.37 38.16
CA ASP F 406 -8.68 46.10 41.14
CA MET G 1 33.93 52.13 -9.73
CA LEU G 2 32.23 54.69 -11.99
CA VAL G 3 34.10 57.76 -13.21
CA LEU G 4 32.16 60.77 -14.46
CA VAL G 5 34.15 62.92 -16.89
CA ALA G 6 33.49 66.18 -18.75
CA PRO G 7 34.97 67.21 -22.15
CA GLY G 8 36.87 70.32 -23.23
CA GLN G 9 37.06 72.68 -26.22
CA GLY G 10 36.53 71.07 -29.60
CA ALA G 11 33.76 68.81 -28.33
CA GLN G 12 31.00 71.33 -29.03
CA THR G 13 29.22 71.43 -32.40
CA PRO G 14 26.42 73.62 -33.85
CA GLY G 15 23.03 72.89 -32.29
CA PHE G 16 24.31 70.20 -29.91
CA LEU G 17 22.33 71.54 -26.93
CA THR G 18 18.98 71.62 -28.77
CA ASP G 19 17.54 68.32 -27.51
CA TRP G 20 18.76 69.02 -23.99
CA LEU G 21 16.96 72.38 -23.83
CA ALA G 22 13.75 70.53 -24.64
CA LEU G 23 13.76 68.76 -21.28
CA PRO G 24 11.19 70.32 -18.91
CA GLY G 25 12.95 72.97 -16.85
CA ALA G 26 16.16 72.99 -18.92
CA ALA G 27 15.46 76.18 -20.86
CA ASP G 28 14.65 77.87 -17.53
CA ARG G 29 17.92 76.86 -15.84
CA VAL G 30 20.05 77.80 -18.86
CA ALA G 31 18.28 81.18 -19.09
CA ALA G 32 19.10 81.96 -15.44
CA TRP G 33 22.74 81.02 -16.11
CA SER G 34 22.77 83.20 -19.21
CA ASP G 35 21.54 86.19 -17.19
CA ALA G 36 24.19 85.52 -14.55
CA ILE G 37 27.15 85.50 -16.95
CA GLY G 38 25.82 87.89 -19.59
CA LEU G 39 25.80 85.37 -22.44
CA ASP G 40 22.89 83.78 -24.32
CA LEU G 41 23.83 80.14 -23.76
CA ALA G 42 20.63 78.87 -25.39
CA HIS G 43 21.43 80.70 -28.63
CA PHE G 44 25.01 79.47 -28.87
CA GLY G 45 23.93 75.92 -28.12
CA THR G 46 21.07 75.87 -30.62
CA LYS G 47 21.18 78.45 -33.45
CA ALA G 48 24.83 79.59 -33.51
CA ASP G 49 26.95 78.13 -36.30
CA ALA G 50 30.57 76.97 -36.34
CA ASP G 51 32.29 80.36 -36.24
CA GLU G 52 30.22 81.59 -33.27
CA ILE G 53 30.88 78.59 -31.03
CA ARG G 54 34.56 78.46 -31.92
CA ASP G 55 34.76 81.71 -29.96
CA THR G 56 36.80 80.58 -26.95
CA SER G 57 34.96 83.04 -24.66
CA VAL G 58 31.70 81.36 -25.75
CA ALA G 59 32.83 77.73 -26.01
CA GLN G 60 34.06 77.43 -22.43
CA PRO G 61 30.89 78.48 -20.58
CA LEU G 62 28.71 76.66 -23.12
CA LEU G 63 30.57 73.40 -22.52
CA VAL G 64 30.27 73.74 -18.74
CA ALA G 65 26.53 74.46 -18.87
CA ALA G 66 26.07 71.43 -21.14
CA GLY G 67 27.95 69.18 -18.73
CA ILE G 68 26.13 70.40 -15.65
CA LEU G 69 22.79 70.19 -17.45
CA SER G 70 23.24 66.66 -18.81
CA ALA G 71 24.59 65.40 -15.48
CA ALA G 72 21.59 66.94 -13.71
CA ALA G 73 19.28 65.16 -16.18
CA LEU G 74 21.11 61.86 -15.63
CA GLY G 75 20.47 62.21 -11.92
CA THR G 76 16.68 62.37 -12.16
CA GLY G 77 20.05 60.35 -7.84
CA PHE G 78 23.57 58.93 -7.76
CA THR G 79 27.15 59.58 -6.67
CA PRO G 80 30.08 58.57 -8.89
CA GLY G 81 33.28 57.00 -7.54
CA ALA G 82 35.37 59.84 -8.99
CA VAL G 83 35.19 62.82 -11.35
CA ALA G 84 37.52 64.56 -13.78
CA GLY G 85 37.51 66.61 -16.97
CA HIS G 86 39.67 67.82 -19.85
CA SER G 87 40.83 71.41 -19.31
CA VAL G 88 37.52 73.34 -19.19
CA GLY G 89 35.95 70.04 -18.19
CA GLU G 90 37.81 70.38 -14.88
CA ILE G 91 35.52 73.22 -13.85
CA THR G 92 32.54 71.05 -14.80
CA ALA G 93 33.96 68.25 -12.64
CA ALA G 94 34.38 70.67 -9.72
CA VAL G 95 30.59 71.08 -9.75
CA PHE G 96 30.06 67.30 -9.71
CA ALA G 97 32.39 67.01 -6.70
CA GLY G 98 30.59 69.81 -4.87
CA VAL G 99 33.63 72.10 -4.85
CA LEU G 100 31.78 74.89 -6.62
CA ASP G 101 28.07 75.48 -7.23
CA ASP G 102 27.03 75.84 -10.86
CA THR G 103 26.60 79.63 -11.09
CA ALA G 104 29.99 80.19 -9.43
CA ALA G 105 31.53 77.71 -11.87
CA LEU G 106 29.92 79.29 -14.93
CA SER G 107 31.04 82.70 -13.71
CA LEU G 108 34.59 81.40 -13.30
CA VAL G 109 34.69 79.71 -16.71
CA ARG G 110 33.16 82.77 -18.43
CA ARG G 111 36.18 84.66 -17.06
CA ARG G 112 38.45 81.75 -17.98
CA GLY G 113 37.37 81.93 -21.61
CA LEU G 114 37.65 85.70 -21.89
CA ALA G 115 41.04 85.76 -20.15
CA MET G 116 42.53 83.08 -22.41
CA ALA G 117 41.15 84.82 -25.50
CA GLU G 118 42.73 88.10 -24.40
CA ALA G 119 46.05 86.43 -23.64
CA ALA G 120 46.05 84.73 -27.05
CA ALA G 121 45.38 88.09 -28.74
CA VAL G 122 48.58 89.75 -27.51
CA THR G 123 50.45 86.91 -29.20
CA GLU G 124 50.66 84.94 -32.45
CA THR G 125 50.50 81.42 -31.00
CA GLY G 126 48.57 78.19 -31.40
CA MET G 127 48.36 74.44 -30.86
CA SER G 128 48.89 71.51 -33.23
CA ALA G 129 48.29 67.79 -32.76
CA LEU G 130 50.99 65.32 -33.77
CA LEU G 131 49.62 62.30 -35.64
CA GLY G 132 51.83 59.23 -35.31
CA GLY G 133 55.29 58.86 -33.84
CA ASP G 134 56.50 58.03 -30.35
CA PRO G 135 55.28 60.27 -27.48
CA GLU G 136 58.63 60.67 -25.70
CA VAL G 137 60.65 61.24 -28.89
CA SER G 138 57.96 63.65 -30.07
CA VAL G 139 58.04 65.59 -26.82
CA ALA G 140 61.84 65.78 -26.89
CA HIS G 141 61.77 67.10 -30.46
CA LEU G 142 58.99 69.69 -30.11
CA GLU G 143 60.49 70.95 -26.84
CA ARG G 144 63.90 71.25 -28.50
CA LEU G 145 62.22 73.47 -31.08
CA GLY G 146 60.84 75.62 -28.28
CA LEU G 147 57.31 74.22 -28.07
CA THR G 148 55.63 72.76 -24.99
CA PRO G 149 53.58 69.56 -24.78
CA ALA G 150 50.33 71.38 -23.92
CA ASN G 151 48.23 68.22 -24.16
CA VAL G 152 49.37 64.71 -23.19
CA ASN G 153 46.09 62.88 -23.75
CA GLY G 154 47.10 59.24 -23.55
CA ALA G 155 47.01 56.54 -26.21
CA GLY G 156 50.24 58.16 -27.36
CA GLN G 157 48.50 61.43 -28.30
CA ILE G 158 50.49 64.68 -28.06
CA VAL G 159 49.50 68.29 -28.77
CA ALA G 160 52.26 70.86 -29.26
CA ALA G 161 51.81 74.55 -28.49
CA GLY G 162 53.87 77.70 -28.96
CA THR G 163 54.33 80.58 -31.38
CA MET G 164 53.15 80.28 -34.97
CA GLU G 165 56.80 80.42 -36.11
CA GLN G 166 57.71 77.45 -33.92
CA LEU G 167 54.59 75.53 -34.92
CA ALA G 168 55.56 76.12 -38.56
CA ALA G 169 59.12 74.95 -37.84
CA LEU G 170 57.62 71.84 -36.26
CA ASN G 171 55.67 71.05 -39.42
CA GLU G 172 58.70 71.58 -41.64
CA ASP G 173 60.93 69.56 -39.32
CA LYS G 174 58.65 66.91 -37.84
CA PRO G 175 59.62 64.48 -35.07
CA GLU G 176 60.65 61.05 -36.34
CA GLY G 177 57.63 58.94 -37.26
CA VAL G 178 55.15 61.82 -37.13
CA ARG G 179 53.02 61.85 -40.29
CA LYS G 180 51.14 65.08 -39.76
CA VAL G 181 51.21 68.20 -37.59
CA VAL G 182 47.61 69.37 -37.53
CA PRO G 183 46.82 72.87 -36.22
CA LEU G 184 43.92 72.97 -33.75
CA LYS G 185 41.00 75.39 -33.98
CA VAL G 186 42.07 77.52 -31.02
CA ALA G 187 42.99 81.18 -30.52
CA GLY G 188 46.42 80.51 -29.04
CA ALA G 189 48.95 78.46 -27.12
CA PHE G 190 46.64 77.42 -24.28
CA HIS G 191 48.31 75.48 -21.47
CA THR G 192 51.68 77.22 -21.88
CA ARG G 193 53.42 80.21 -20.30
CA HIS G 194 51.77 82.28 -23.02
CA MET G 195 48.67 82.12 -20.78
CA ALA G 196 50.50 83.71 -17.84
CA PRO G 197 48.37 86.87 -18.08
CA ALA G 198 45.26 84.66 -18.08
CA VAL G 199 46.32 83.24 -14.69
CA ASP G 200 46.41 86.75 -13.22
CA LYS G 201 42.93 87.56 -14.54
CA LEU G 202 41.48 84.17 -13.62
CA ALA G 203 42.94 84.45 -10.11
CA GLU G 204 41.02 87.71 -9.62
CA ALA G 205 37.75 85.97 -10.48
CA ALA G 206 38.65 83.12 -8.11
CA LYS G 207 38.68 85.70 -5.28
CA ALA G 208 34.90 85.96 -5.32
CA LEU G 209 34.63 82.23 -4.69
CA THR G 210 34.69 80.10 -1.55
CA PRO G 211 35.39 76.51 -2.69
CA ALA G 212 34.23 73.55 -0.61
CA ASP G 213 36.21 70.34 -0.15
CA PRO G 214 35.35 67.75 -2.81
CA LYS G 215 32.67 65.26 -1.70
CA VAL G 216 33.72 62.85 -4.43
CA THR G 217 37.27 61.90 -5.49
CA TYR G 218 38.52 64.70 -7.78
CA VAL G 219 41.29 63.81 -10.26
CA SER G 220 43.41 66.74 -11.52
CA ASN G 221 44.85 67.49 -15.00
CA LYS G 222 48.09 68.85 -13.56
CA ASP G 223 49.53 65.51 -12.48
CA GLY G 224 46.62 63.08 -12.45
CA ARG G 225 46.45 63.16 -8.65
CA ALA G 226 43.38 63.16 -6.44
CA VAL G 227 43.00 66.52 -4.67
CA ALA G 228 41.33 66.47 -1.25
CA SER G 229 41.30 70.23 -0.62
CA GLY G 230 38.79 72.63 -2.15
CA THR G 231 41.26 75.54 -2.18
CA GLU G 232 43.90 73.29 -3.80
CA VAL G 233 41.31 72.30 -6.41
CA LEU G 234 40.62 75.95 -7.18
CA ASP G 235 44.29 76.94 -7.22
CA ARG G 236 44.99 74.11 -9.66
CA LEU G 237 42.13 75.22 -11.94
CA VAL G 238 43.49 78.77 -12.07
CA GLY G 239 47.04 77.61 -12.79
CA GLN G 240 46.06 74.95 -15.35
CA VAL G 241 45.34 77.55 -18.04
CA ALA G 242 49.13 77.81 -18.31
CA ASN G 243 50.16 74.24 -17.47
CA PRO G 244 50.11 71.10 -19.69
CA VAL G 245 47.01 68.86 -19.55
CA ARG G 246 48.14 65.44 -18.35
CA TRP G 247 45.00 63.52 -19.25
CA ASP G 248 47.26 60.49 -19.66
CA LEU G 249 47.98 60.52 -15.92
CA CYS G 250 44.31 61.06 -15.11
CA MET G 251 43.47 57.80 -16.90
CA GLU G 252 46.36 56.05 -15.11
CA THR G 253 44.76 57.16 -11.85
CA PHE G 254 41.35 55.87 -12.94
CA LYS G 255 43.11 52.50 -13.36
CA GLU G 256 44.68 52.75 -9.91
CA LEU G 257 41.15 53.39 -8.61
CA GLY G 258 39.90 50.24 -10.32
CA VAL G 259 37.53 52.07 -12.69
CA THR G 260 34.95 49.74 -14.25
CA ALA G 261 32.83 52.26 -16.15
CA ILE G 262 33.17 55.81 -17.49
CA ILE G 263 30.35 58.14 -18.50
CA GLU G 264 31.27 61.32 -20.37
CA VAL G 265 28.72 64.14 -20.01
CA CYS G 266 27.39 66.20 -22.92
CA PRO G 267 28.85 66.76 -25.44
CA GLY G 268 30.50 63.35 -25.26
CA GLY G 269 32.57 61.31 -27.67
CA THR G 270 36.13 62.65 -27.38
CA LEU G 271 37.07 61.41 -23.91
CA THR G 272 35.09 58.20 -24.51
CA GLY G 273 37.13 57.57 -27.64
CA LEU G 274 40.34 57.98 -25.64
CA ALA G 275 39.08 55.64 -22.92
CA LYS G 276 38.31 52.90 -25.45
CA ARG G 277 41.97 53.01 -26.42
CA ALA G 278 43.79 53.52 -23.13
CA LEU G 279 41.35 51.75 -20.81
CA PRO G 280 40.55 48.32 -22.30
CA GLY G 281 37.94 46.34 -20.38
CA VAL G 282 36.23 49.49 -19.11
CA LYS G 283 32.62 50.18 -20.12
CA THR G 284 32.21 53.64 -21.65
CA LEU G 285 29.17 55.72 -22.55
CA ALA G 286 29.00 59.22 -24.01
CA LEU G 287 25.97 61.43 -23.43
CA LYS G 288 25.11 63.18 -26.70
CA THR G 289 21.33 63.62 -26.42
CA PRO G 290 18.61 62.97 -23.79
CA ASP G 291 17.88 59.71 -25.65
CA ASP G 292 21.19 58.42 -24.26
CA LEU G 293 19.96 58.83 -20.66
CA ASP G 294 18.19 55.48 -20.21
CA ALA G 295 21.31 53.54 -21.16
CA ALA G 296 23.32 55.83 -18.88
CA ARG G 297 20.99 55.20 -15.93
CA GLU G 298 21.45 51.45 -16.39
CA LEU G 299 25.22 51.87 -16.37
CA VAL G 300 25.02 54.07 -13.28
CA ALA G 301 22.83 51.56 -11.44
CA GLU G 302 25.20 48.63 -12.01
CA HIS G 303 28.37 50.56 -11.17
CA THR G 304 27.31 52.65 -8.17
CA VAL H 1 -4.06 6.85 -12.83
CA ASP H 2 -1.83 8.45 -10.21
CA LYS H 3 -0.34 5.58 -8.22
CA ARG H 4 -0.35 5.61 -4.42
CA GLU H 5 1.34 2.97 -2.27
CA SER H 6 -1.71 2.57 -0.04
CA TYR H 7 -5.49 3.05 -0.07
CA THR H 8 -8.02 3.60 2.68
CA LYS H 9 -11.41 1.94 3.17
CA GLU H 10 -12.99 5.06 1.64
CA ASP H 11 -10.86 4.65 -1.47
CA LEU H 12 -11.86 0.99 -1.79
CA LEU H 13 -15.53 2.01 -1.47
CA ALA H 14 -15.06 4.76 -4.09
CA SER H 15 -13.49 2.07 -6.30
CA GLY H 16 -16.68 -0.03 -6.16
CA ARG H 17 -18.55 2.88 -7.72
CA GLY H 18 -15.86 3.47 -10.31
CA GLU H 19 -14.82 6.75 -8.71
CA LEU H 20 -11.20 5.78 -8.00
CA PHE H 21 -9.67 4.82 -11.38
CA GLY H 22 -12.28 6.49 -13.55
CA ALA H 23 -15.02 5.09 -15.80
CA LYS H 24 -12.69 2.98 -17.94
CA GLY H 25 -10.88 1.41 -15.00
CA PRO H 26 -11.99 -1.75 -13.15
CA GLN H 27 -14.22 -1.69 -10.08
CA LEU H 28 -13.79 -3.61 -6.85
CA PRO H 29 -16.96 -5.38 -5.62
CA ALA H 30 -19.02 -3.33 -3.15
CA PRO H 31 -20.15 -4.57 0.27
CA ASN H 32 -20.97 -7.20 1.04
CA MET H 33 -18.55 -8.70 -1.51
CA LEU H 34 -15.68 -6.27 -0.77
CA MET H 35 -13.22 -8.41 1.20
CA MET H 36 -10.59 -5.93 2.42
CA ASP H 37 -10.67 -2.71 4.47
CA ARG H 38 -7.43 -1.21 3.22
CA VAL H 39 -4.42 -1.76 1.01
CA VAL H 40 -1.33 -1.17 3.13
CA LYS H 41 1.31 -1.49 0.39
CA MET H 42 1.45 -1.66 -3.41
CA THR H 43 4.73 -1.82 -5.35
CA GLU H 44 5.78 -2.50 -8.95
CA THR H 45 8.87 -4.37 -7.85
CA GLY H 46 9.25 -6.54 -4.78
CA GLY H 47 7.33 -9.65 -3.79
CA ASN H 48 8.74 -13.18 -4.06
CA PHE H 49 9.47 -12.78 -7.80
CA ASP H 50 10.54 -9.12 -7.72
CA LYS H 51 7.71 -8.35 -10.17
CA GLY H 52 5.12 -6.71 -7.93
CA TYR H 53 3.65 -6.89 -4.46
CA VAL H 54 0.38 -6.04 -2.73
CA GLU H 55 -0.44 -6.34 0.97
CA ALA H 56 -3.99 -5.64 2.24
CA GLU H 57 -5.93 -6.19 5.47
CA LEU H 58 -9.42 -7.04 6.64
CA ASP H 59 -10.40 -6.21 10.21
CA ILE H 60 -12.26 -9.02 11.92
CA ASN H 61 -15.12 -8.57 14.43
CA PRO H 62 -17.79 -11.11 15.55
CA ASP H 63 -20.59 -9.18 13.84
CA LEU H 64 -19.47 -9.57 10.23
CA TRP H 65 -22.42 -10.99 8.26
CA PHE H 66 -20.81 -14.26 7.18
CA PHE H 67 -20.24 -15.47 10.77
CA GLY H 68 -23.98 -15.67 11.27
CA CYS H 69 -24.72 -18.13 8.47
CA HIS H 70 -21.44 -19.97 7.93
CA PHE H 71 -22.24 -21.91 9.99
CA ILE H 72 -25.06 -21.51 12.56
CA GLY H 73 -23.41 -22.33 15.87
CA ASP H 74 -19.98 -22.85 14.26
CA PRO H 75 -18.85 -19.45 12.87
CA VAL H 76 -15.89 -19.53 10.49
CA MET H 77 -15.14 -17.14 7.64
CA PRO H 78 -15.86 -18.85 4.26
CA GLY H 79 -12.59 -19.80 2.57
CA CYS H 80 -14.06 -18.83 -0.80
CA LEU H 81 -14.29 -15.21 0.38
CA GLY H 82 -10.59 -15.00 1.32
CA LEU H 83 -9.90 -16.47 -2.11
CA ASP H 84 -12.08 -13.81 -3.74
CA ALA H 85 -10.16 -11.10 -1.88
CA MET H 86 -7.02 -12.36 -3.64
CA TRP H 87 -8.67 -12.19 -7.08
CA GLN H 88 -9.95 -8.73 -6.15
CA LEU H 89 -6.42 -7.53 -5.29
CA VAL H 90 -4.91 -8.93 -8.52
CA GLY H 91 -7.59 -7.11 -10.54
CA PHE H 92 -7.21 -3.92 -8.49
CA TYR H 93 -3.44 -3.90 -9.18
CA LEU H 94 -4.03 -4.21 -12.94
CA GLY H 95 -6.25 -1.12 -12.72
CA TRP H 96 -3.60 0.61 -10.60
CA LEU H 97 -1.12 0.03 -13.46
CA GLY H 98 -3.57 1.84 -15.73
CA GLY H 99 -5.34 -1.19 -17.15
CA GLU H 100 -8.83 -0.49 -18.51
CA GLY H 101 -11.81 -2.82 -18.54
CA LYS H 102 -14.26 -4.86 -16.43
CA GLY H 103 -12.57 -7.34 -14.00
CA ARG H 104 -13.22 -11.07 -14.39
CA ALA H 105 -11.44 -13.85 -12.47
CA LEU H 106 -10.08 -16.47 -14.89
CA GLY H 107 -9.05 -19.13 -12.41
CA VAL H 108 -6.46 -20.42 -9.96
CA GLY H 109 -4.07 -23.33 -9.66
CA GLU H 110 -3.77 -25.05 -6.28
CA VAL H 111 -5.50 -23.52 -3.24
CA LYS H 112 -4.80 -24.90 0.24
CA PHE H 113 -6.70 -24.00 3.43
CA THR H 114 -4.75 -25.13 6.51
CA GLY H 115 -6.38 -22.95 9.16
CA GLN H 116 -9.51 -20.90 9.81
CA VAL H 117 -10.61 -17.37 10.62
CA LEU H 118 -12.77 -17.36 13.78
CA PRO H 119 -14.83 -14.40 15.09
CA THR H 120 -12.18 -14.02 17.81
CA ALA H 121 -9.41 -13.23 15.31
CA LYS H 122 -8.49 -9.58 14.84
CA LYS H 123 -6.87 -9.12 11.45
CA VAL H 124 -6.62 -10.98 8.16
CA THR H 125 -3.65 -10.15 5.97
CA TYR H 126 -3.49 -10.74 2.21
CA ARG H 127 -0.16 -10.82 0.38
CA ILE H 128 0.02 -11.04 -3.39
CA HIS H 129 3.30 -11.89 -5.20
CA PHE H 130 3.05 -11.17 -8.91
CA LYS H 131 4.76 -13.54 -11.28
CA ARG H 132 3.47 -12.15 -14.56
CA ILE H 133 1.58 -9.21 -16.01
CA VAL H 134 0.36 -8.78 -19.60
CA ASN H 135 -0.64 -5.15 -20.19
CA ARG H 136 -0.85 -4.99 -23.97
CA ARG H 137 -4.10 -5.23 -25.99
CA LEU H 138 -4.91 -7.93 -23.43
CA ILE H 139 -4.60 -7.10 -19.72
CA MET H 140 -4.01 -10.14 -17.51
CA GLY H 141 -2.34 -10.84 -14.18
CA LEU H 142 -0.84 -13.99 -12.67
CA ALA H 143 0.20 -14.21 -9.02
CA ASP H 144 0.60 -16.40 -5.94
CA GLY H 145 -1.26 -15.45 -2.78
CA GLU H 146 -0.99 -15.88 0.98
CA VAL H 147 -3.63 -15.32 3.64
CA LEU H 148 -2.59 -14.91 7.26
CA VAL H 149 -4.77 -14.45 10.34
CA ASP H 150 -3.09 -12.60 13.19
CA GLY H 151 0.35 -13.24 11.68
CA ARG H 152 -0.11 -16.95 10.97
CA LEU H 153 -0.41 -18.36 7.44
CA ILE H 154 -3.64 -20.23 6.81
CA TYR H 155 -4.25 -20.24 3.03
CA THR H 156 -2.02 -20.28 -0.06
CA ALA H 157 -3.09 -20.00 -3.70
CA SER H 158 -0.83 -20.59 -6.68
CA ASP H 159 -1.39 -18.89 -10.02
CA LEU H 160 -4.37 -16.67 -9.32
CA LYS H 161 -5.40 -15.37 -12.74
CA VAL H 162 -7.49 -12.30 -13.50
CA GLY H 163 -8.05 -10.24 -16.63
CA LEU H 164 -9.70 -6.89 -17.44
CA PHE H 165 -12.09 -6.92 -20.43
CA GLN H 166 -13.71 -4.04 -22.27
CA ASP H 167 -16.09 -6.47 -23.98
CA THR H 168 -17.57 -9.31 -21.93
CA SER H 169 -20.22 -10.33 -24.49
CA ALA H 170 -18.49 -13.64 -25.22
CA PHE H 171 -18.60 -14.87 -21.60
CA VAL H 172 -27.31 -43.15 4.47
CA ASP H 173 -30.60 -44.08 2.83
CA LYS H 174 -30.05 -42.43 -0.54
CA ARG H 175 -32.89 -40.57 -2.14
CA GLU H 176 -32.69 -39.34 -5.72
CA SER H 177 -33.90 -35.88 -4.66
CA TYR H 178 -34.11 -33.58 -1.63
CA THR H 179 -36.46 -30.77 -0.79
CA LYS H 180 -35.85 -27.40 0.86
CA GLU H 181 -36.79 -28.88 4.22
CA ASP H 182 -34.32 -31.74 3.69
CA LEU H 183 -31.52 -29.20 2.98
CA LEU H 184 -32.46 -27.28 6.14
CA ALA H 185 -32.32 -30.52 8.17
CA SER H 186 -28.93 -31.15 6.55
CA GLY H 187 -27.67 -27.82 7.85
CA ARG H 188 -28.71 -28.93 11.33
CA GLY H 189 -26.92 -32.27 11.04
CA GLU H 190 -30.17 -34.25 11.03
CA LEU H 191 -30.19 -35.54 7.46
CA PHE H 192 -26.97 -37.59 7.34
CA GLY H 193 -26.71 -37.94 11.10
CA ALA H 194 -24.10 -36.62 13.55
CA LYS H 195 -21.14 -37.99 11.56
CA GLY H 196 -22.06 -36.97 8.02
CA PRO H 197 -21.29 -33.50 6.59
CA GLN H 198 -23.60 -30.49 7.01
CA LEU H 199 -24.65 -27.99 4.39
CA PRO H 200 -24.34 -24.32 5.39
CA ALA H 201 -27.51 -22.80 6.83
CA PRO H 202 -29.11 -19.62 5.43
CA ASN H 203 -27.87 -17.16 4.43
CA MET H 204 -25.06 -19.34 3.03
CA LEU H 205 -27.20 -22.25 1.75
CA MET H 206 -27.15 -21.59 -2.01
CA MET H 207 -29.77 -24.08 -3.31
CA ASP H 208 -33.47 -24.62 -2.70
CA ARG H 209 -33.66 -28.23 -3.85
CA VAL H 210 -31.68 -31.10 -5.34
CA VAL H 211 -33.71 -32.47 -8.27
CA LYS H 212 -31.49 -35.38 -9.20
CA MET H 213 -28.63 -37.42 -7.74
CA THR H 214 -27.17 -40.50 -9.44
CA GLU H 215 -23.94 -42.33 -8.73
CA THR H 216 -23.43 -43.18 -12.39
CA GLY H 217 -24.24 -40.81 -15.21
CA GLY H 218 -22.84 -37.35 -15.76
CA ASN H 219 -20.24 -36.45 -18.38
CA PHE H 220 -17.78 -38.98 -16.98
CA ASP H 221 -20.36 -41.53 -15.87
CA LYS H 222 -19.03 -41.32 -12.33
CA GLY H 223 -21.83 -39.34 -10.73
CA TYR H 224 -24.15 -36.46 -11.33
CA VAL H 225 -26.15 -33.96 -9.29
CA GLU H 226 -28.57 -31.28 -10.44
CA ALA H 227 -29.86 -28.62 -8.07
CA GLU H 228 -31.83 -25.37 -8.26
CA LEU H 229 -32.06 -22.01 -6.54
CA ASP H 230 -35.24 -19.99 -7.00
CA ILE H 231 -34.63 -16.33 -7.72
CA ASN H 232 -36.65 -13.37 -6.47
CA PRO H 233 -35.66 -9.68 -6.08
CA ASP H 234 -35.66 -9.90 -2.29
CA LEU H 235 -32.75 -12.35 -1.92
CA TRP H 236 -30.28 -10.77 0.50
CA PHE H 237 -27.34 -10.47 -1.88
CA PHE H 238 -29.25 -8.36 -4.40
CA GLY H 239 -29.47 -5.47 -1.96
CA CYS H 240 -25.72 -5.16 -1.33
CA HIS H 241 -24.04 -6.46 -4.50
CA PHE H 242 -24.22 -3.81 -5.79
CA ILE H 243 -26.36 -0.96 -4.51
CA GLY H 244 -28.18 0.22 -7.64
CA ASP H 245 -26.76 -2.58 -9.81
CA PRO H 246 -28.06 -5.89 -8.38
CA VAL H 247 -26.29 -9.07 -9.54
CA MET H 248 -25.85 -12.37 -7.72
CA PRO H 249 -22.20 -12.62 -6.52
CA GLY H 250 -20.37 -15.13 -8.71
CA CYS H 251 -18.60 -16.38 -5.56
CA LEU H 252 -21.90 -17.68 -4.13
CA GLY H 253 -22.65 -19.68 -7.29
CA LEU H 254 -19.19 -21.21 -6.85
CA ASP H 255 -19.97 -22.02 -3.20
CA ALA H 256 -23.23 -23.78 -4.14
CA MET H 257 -21.14 -26.09 -6.37
CA TRP H 258 -18.62 -26.85 -3.57
CA GLN H 259 -21.66 -27.36 -1.29
CA LEU H 260 -23.12 -29.92 -3.74
CA VAL H 261 -19.83 -31.83 -4.08
CA GLY H 262 -19.55 -32.21 -0.30
CA PHE H 263 -23.26 -33.06 0.00
CA TYR H 264 -22.71 -35.86 -2.52
CA LEU H 265 -19.73 -37.31 -0.58
CA GLY H 266 -21.99 -37.46 2.49
CA TRP H 267 -24.70 -39.03 0.33
CA LEU H 268 -22.32 -41.86 -0.62
CA GLY H 269 -21.88 -42.46 3.09
CA GLY H 270 -18.79 -40.36 3.74
CA GLU H 271 -18.22 -39.11 7.28
CA GLY H 272 -16.63 -35.84 8.35
CA LYS H 273 -16.93 -32.08 8.15
CA GLY H 274 -16.86 -30.53 4.68
CA ARG H 275 -14.06 -28.23 3.58
CA ALA H 276 -13.65 -26.79 0.07
CA LEU H 277 -10.08 -27.44 -1.13
CA GLY H 278 -10.03 -25.48 -4.38
CA VAL H 279 -11.08 -25.23 -8.02
CA GLY H 280 -9.05 -25.27 -11.24
CA GLU H 281 -10.57 -22.81 -13.72
CA VAL H 282 -13.71 -20.67 -13.48
CA LYS H 283 -15.22 -18.59 -16.29
CA PHE H 284 -18.16 -16.24 -15.81
CA THR H 285 -19.76 -15.32 -19.11
CA GLY H 286 -23.09 -14.12 -17.78
CA GLN H 287 -24.88 -12.71 -14.75
CA VAL H 288 -27.88 -13.48 -12.57
CA LEU H 289 -30.24 -10.50 -12.33
CA PRO H 290 -33.11 -10.15 -9.82
CA THR H 291 -35.46 -10.63 -12.80
CA ALA H 292 -34.32 -14.24 -13.34
CA LYS H 293 -36.50 -17.09 -12.13
CA LYS H 294 -34.16 -19.97 -11.53
CA VAL H 295 -30.51 -20.96 -11.28
CA THR H 296 -29.56 -24.54 -12.09
CA TYR H 297 -26.37 -26.23 -10.91
CA ARG H 298 -25.10 -29.35 -12.75
CA ILE H 299 -22.21 -31.29 -11.18
CA HIS H 300 -20.32 -33.99 -13.07
CA PHE H 301 -18.03 -36.16 -10.96
CA LYS H 302 -14.57 -37.09 -12.26
CA ARG H 303 -12.99 -38.85 -9.33
CA ILE H 304 -14.17 -39.90 -5.92
CA VAL H 305 -11.81 -41.13 -3.22
CA ASN H 306 -14.05 -42.46 -0.46
CA ARG H 307 -11.36 -44.44 1.34
CA ARG H 308 -10.02 -43.27 4.70
CA LEU H 309 -9.44 -40.00 2.81
CA ILE H 310 -12.69 -38.65 1.40
CA MET H 311 -12.31 -36.27 -1.52
CA GLY H 312 -14.39 -35.41 -4.57
CA LEU H 313 -13.30 -33.89 -7.89
CA ALA H 314 -15.90 -32.57 -10.36
CA ASP H 315 -16.69 -30.06 -13.08
CA GLY H 316 -19.66 -27.78 -12.58
CA GLU H 317 -21.97 -25.61 -14.63
CA VAL H 318 -24.39 -22.85 -13.66
CA LEU H 319 -27.36 -21.92 -15.87
CA VAL H 320 -29.78 -19.04 -15.37
CA ASP H 321 -33.21 -19.83 -16.80
CA GLY H 322 -31.56 -22.43 -19.01
CA ARG H 323 -28.69 -20.22 -20.18
CA LEU H 324 -25.15 -21.49 -19.38
CA ILE H 325 -23.29 -18.68 -17.60
CA TYR H 326 -20.50 -20.21 -15.44
CA THR H 327 -18.26 -23.25 -15.85
CA ALA H 328 -15.88 -24.51 -13.14
CA SER H 329 -13.27 -27.18 -13.75
CA ASP H 330 -11.87 -29.36 -11.00
CA LEU H 331 -13.96 -28.33 -8.01
CA LYS H 332 -12.36 -30.15 -5.08
CA VAL H 333 -13.94 -30.86 -1.70
CA GLY H 334 -12.99 -33.25 1.09
CA LEU H 335 -14.63 -34.41 4.32
CA PHE H 336 -12.55 -34.30 7.52
CA GLN H 337 -12.97 -36.02 10.87
CA ASP H 338 -10.60 -33.56 12.51
CA THR H 339 -10.30 -30.03 11.14
CA SER H 340 -8.06 -28.66 13.92
CA ALA H 341 -5.17 -29.17 11.49
CA PHE H 342 -6.21 -26.32 9.17
CA MET I 1 -12.93 -60.81 25.31
CA LYS I 2 -10.73 -57.85 26.15
CA ALA I 3 -9.81 -55.46 23.34
CA TRP I 4 -8.66 -51.94 22.58
CA VAL I 5 -11.14 -49.77 20.74
CA LEU I 6 -10.72 -46.32 19.22
CA LYS I 7 -14.08 -44.53 19.36
CA ARG I 8 -12.90 -41.22 17.93
CA LEU I 9 -10.16 -40.24 15.48
CA GLY I 10 -7.50 -38.35 17.39
CA GLY I 11 -9.04 -39.67 20.59
CA PRO I 12 -7.76 -42.14 23.24
CA LEU I 13 -7.93 -45.93 23.16
CA GLU I 14 -10.24 -47.81 25.50
CA LEU I 15 -9.82 -51.23 27.10
CA VAL I 16 -13.22 -52.88 26.63
CA ASP I 17 -14.99 -56.23 26.81
CA LEU I 18 -16.36 -57.41 23.46
CA PRO I 19 -18.19 -60.50 22.16
CA GLU I 20 -16.06 -63.39 20.93
CA PRO I 21 -15.35 -63.15 17.20
CA GLU I 22 -17.47 -65.46 15.03
CA ALA I 23 -15.64 -67.05 12.09
CA GLU I 24 -17.62 -66.76 8.85
CA GLU I 25 -17.28 -69.50 6.22
CA GLY I 26 -13.64 -69.72 5.20
CA GLU I 27 -12.36 -67.94 8.32
CA VAL I 28 -10.66 -69.12 11.48
CA VAL I 29 -10.41 -67.42 14.86
CA LEU I 30 -6.82 -67.06 16.00
CA ARG I 31 -5.94 -66.33 19.61
CA VAL I 32 -3.53 -63.39 19.51
CA GLU I 33 -0.04 -63.64 21.02
CA ALA I 34 1.62 -60.54 19.56
CA VAL I 35 0.76 -57.48 17.49
CA GLY I 36 3.22 -55.48 15.43
CA LEU I 37 2.53 -51.76 15.24
CA ASN I 38 3.16 -49.59 12.19
CA PHE I 39 3.31 -45.84 11.59
CA ALA I 40 0.28 -46.61 9.43
CA ASP I 41 -1.61 -47.54 12.60
CA HIS I 42 -0.79 -44.13 14.04
CA LEU I 43 -2.04 -42.36 10.91
CA MET I 44 -5.24 -44.39 10.88
CA ARG I 45 -6.10 -43.18 14.39
CA LEU I 46 -5.93 -39.65 13.04
CA GLY I 47 -7.80 -40.42 9.84
CA ALA I 48 -4.69 -39.41 7.91
CA TYR I 49 -3.95 -42.71 6.16
CA LEU I 50 -4.60 -43.96 2.61
CA THR I 51 -7.26 -46.33 4.00
CA ARG I 52 -9.91 -44.56 6.05
CA LEU I 53 -11.38 -46.80 8.73
CA HIS I 54 -14.58 -45.45 10.33
CA PRO I 55 -14.64 -45.60 14.14
CA PRO I 56 -15.26 -47.37 16.28
CA PHE I 57 -12.60 -49.97 15.48
CA ILE I 58 -9.92 -52.14 17.04
CA PRO I 59 -6.45 -50.90 16.00
CA GLY I 60 -3.83 -53.44 14.95
CA MET I 61 -3.28 -54.96 11.50
CA GLU I 62 -0.18 -57.14 11.89
CA VAL I 63 -1.06 -60.14 14.02
CA VAL I 64 0.60 -63.35 15.20
CA GLY I 65 -1.37 -66.10 16.91
CA VAL I 66 -2.54 -69.68 17.29
CA VAL I 67 -5.14 -71.65 15.36
CA GLU I 68 -5.67 -75.26 16.46
CA GLY I 69 -2.24 -75.56 18.03
CA ARG I 70 -0.37 -73.96 15.13
CA ARG I 71 1.09 -70.42 15.07
CA TYR I 72 0.51 -68.11 12.10
CA ALA I 73 1.17 -64.48 11.16
CA ALA I 74 -1.49 -62.44 9.40
CA LEU I 75 -2.35 -59.05 7.98
CA VAL I 76 -5.85 -57.98 8.95
CA PRO I 77 -7.62 -54.66 8.25
CA GLN I 78 -8.35 -54.18 11.95
CA GLY I 79 -8.98 -56.13 15.13
CA GLY I 80 -5.36 -56.75 16.06
CA LEU I 81 -5.30 -55.41 19.62
CA ALA I 82 -7.71 -58.02 20.94
CA GLU I 83 -7.60 -61.51 22.44
CA ARG I 84 -9.07 -63.14 19.32
CA VAL I 85 -9.51 -62.15 15.68
CA ALA I 86 -11.36 -63.79 12.79
CA VAL I 87 -9.03 -64.29 9.82
CA PRO I 88 -9.55 -65.65 6.28
CA LYS I 89 -7.74 -69.00 6.00
CA GLY I 90 -6.17 -67.66 2.82
CA ALA I 91 -4.38 -64.81 4.64
CA LEU I 92 -2.69 -67.14 7.15
CA LEU I 93 1.09 -67.14 6.95
CA PRO I 94 2.90 -70.32 8.15
CA LEU I 95 5.94 -69.72 10.37
CA PRO I 96 9.15 -71.74 10.81
CA GLU I 97 9.31 -73.84 13.97
CA GLY I 98 10.85 -71.92 16.86
CA LEU I 99 10.21 -68.42 15.52
CA SER I 100 9.26 -66.33 18.55
CA PRO I 101 5.89 -64.53 18.47
CA GLU I 102 7.63 -61.15 18.72
CA GLU I 103 10.00 -61.71 15.81
CA ALA I 104 7.11 -63.07 13.74
CA ALA I 105 5.05 -59.94 14.47
CA ALA I 106 7.85 -57.76 13.07
CA PHE I 107 7.96 -59.59 9.75
CA PRO I 108 4.84 -59.24 7.48
CA VAL I 109 4.61 -55.52 6.76
CA SER I 110 8.32 -54.63 6.80
CA PHE I 111 9.32 -57.04 5.06
CA LEU I 112 6.47 -57.14 2.56
CA THR I 113 6.84 -53.38 2.12
CA ALA I 114 10.60 -53.55 1.62
CA TYR I 115 10.53 -56.48 -0.80
CA LEU I 116 7.56 -55.28 -2.86
CA ALA I 117 9.05 -51.80 -2.97
CA LEU I 118 12.41 -53.06 -4.25
CA LYS I 119 10.77 -55.67 -6.48
CA ARG I 120 8.67 -52.94 -8.10
CA ALA I 121 11.68 -50.67 -8.65
CA GLN I 122 13.25 -53.70 -10.36
CA ALA I 123 16.25 -53.75 -8.00
CA ARG I 124 18.99 -55.84 -9.59
CA PRO I 125 21.97 -57.57 -7.88
CA GLY I 126 24.84 -55.14 -7.29
CA GLU I 127 22.65 -52.03 -7.44
CA LYS I 128 23.15 -49.22 -4.91
CA VAL I 129 20.23 -48.47 -2.59
CA LEU I 130 19.71 -45.79 0.05
CA VAL I 131 17.64 -46.84 3.07
CA GLN I 132 16.42 -44.07 5.38
CA ALA I 133 15.34 -44.28 9.02
CA ALA I 134 17.58 -47.35 8.78
CA ALA I 135 17.30 -48.16 12.49
CA GLY I 136 13.51 -48.32 12.43
CA ALA I 137 11.05 -51.13 11.72
CA LEU I 138 10.91 -50.63 7.95
CA GLY I 139 14.57 -49.61 7.75
CA THR I 140 16.07 -52.64 9.48
CA ALA I 141 13.81 -54.83 7.36
CA ALA I 142 14.84 -52.96 4.21
CA VAL I 143 18.54 -53.41 4.84
CA GLN I 144 18.15 -57.16 5.38
CA VAL I 145 15.89 -57.64 2.36
CA ALA I 146 18.09 -55.54 0.08
CA ARG I 147 21.09 -57.58 1.24
CA ALA I 148 19.32 -60.88 0.48
CA MET I 149 18.56 -59.49 -2.97
CA GLY I 150 22.26 -58.88 -3.43
CA LEU I 151 22.05 -55.09 -3.25
CA ARG I 152 24.67 -52.64 -1.98
CA VAL I 153 23.09 -50.74 0.93
CA LEU I 154 23.76 -47.20 2.13
CA ALA I 155 21.90 -46.75 5.43
CA ALA I 156 21.02 -43.37 6.87
CA ALA I 157 19.58 -42.22 10.20
CA SER I 158 19.31 -39.02 12.26
CA ARG I 159 21.69 -39.71 15.15
CA PRO I 160 25.17 -41.34 15.08
CA GLU I 161 23.94 -43.73 17.79
CA LYS I 162 21.40 -45.17 15.33
CA LEU I 163 23.98 -46.20 12.74
CA ALA I 164 25.51 -49.27 14.43
CA LEU I 165 22.43 -51.48 13.85
CA PRO I 166 22.03 -50.89 10.08
CA LEU I 167 25.79 -51.35 9.64
CA ALA I 168 25.51 -54.60 11.59
CA LEU I 169 22.60 -55.75 9.43
CA GLY I 170 24.80 -55.59 6.34
CA ALA I 171 24.87 -51.98 5.11
CA GLU I 172 28.06 -51.13 3.17
CA GLU I 173 28.11 -47.73 4.90
CA ALA I 174 25.85 -46.00 7.42
CA ALA I 175 25.50 -42.22 7.62
CA THR I 176 23.59 -39.36 9.23
CA TYR I 177 21.23 -37.49 6.93
CA ALA I 178 23.60 -34.52 6.76
CA GLU I 179 26.38 -36.68 5.30
CA VAL I 180 24.28 -38.70 2.82
CA PRO I 181 24.92 -36.23 -0.03
CA GLU I 182 28.68 -36.72 0.17
CA ARG I 183 28.30 -40.50 0.52
CA ALA I 184 26.01 -40.70 -2.50
CA LYS I 185 28.64 -38.84 -4.52
CA ALA I 186 31.36 -41.16 -3.20
CA TRP I 187 29.21 -44.10 -4.35
CA GLY I 188 28.87 -42.64 -7.83
CA GLY I 189 25.21 -41.90 -7.20
CA LEU I 190 22.46 -44.29 -6.15
CA ASP I 191 20.38 -46.61 -8.30
CA LEU I 192 17.52 -46.71 -5.78
CA VAL I 193 16.18 -44.69 -2.87
CA LEU I 194 13.50 -45.90 -0.44
CA GLU I 195 11.93 -42.61 0.62
CA VAL I 196 10.19 -42.45 4.00
CA ARG I 197 11.31 -38.96 5.07
CA GLY I 198 9.31 -37.32 2.27
CA LYS I 199 10.45 -33.75 3.05
CA GLU I 200 13.05 -32.51 0.56
CA VAL I 201 12.33 -35.26 -1.99
CA GLU I 202 13.97 -33.07 -4.65
CA GLU I 203 17.19 -33.56 -2.68
CA SER I 204 16.80 -37.33 -2.67
CA LEU I 205 16.41 -37.23 -6.43
CA GLY I 206 19.72 -35.42 -6.66
CA LEU I 207 21.39 -38.49 -5.13
CA LEU I 208 20.34 -40.74 -8.00
CA ALA I 209 22.53 -41.85 -10.88
CA HIS I 210 21.26 -42.29 -14.47
CA GLY I 211 18.31 -44.68 -14.53
CA GLY I 212 17.77 -44.22 -10.81
CA ARG I 213 14.46 -44.77 -9.07
CA LEU I 214 12.91 -43.37 -5.92
CA VAL I 215 10.15 -45.29 -4.14
CA TYR I 216 7.91 -42.95 -2.19
CA ILE I 217 6.78 -44.86 0.90
CA ALA I 218 7.07 -30.62 -1.34
CA PRO I 219 6.26 -31.25 -5.07
CA ILE I 220 8.62 -32.88 -7.58
CA PRO I 221 9.68 -30.83 -10.65
CA PRO I 222 9.10 -32.95 -13.81
CA LEU I 223 12.36 -32.08 -15.62
CA ARG I 224 14.89 -33.10 -13.01
CA LEU I 225 13.64 -36.58 -13.87
CA MET I 226 14.34 -36.29 -17.60
CA ARG I 227 18.05 -35.47 -17.69
CA ARG I 228 18.85 -38.75 -15.95
CA ASN I 229 15.82 -40.83 -16.93
CA LEU I 230 14.81 -40.98 -13.27
CA ALA I 231 11.58 -42.44 -11.93
CA VAL I 232 9.42 -41.78 -8.88
CA LEU I 233 7.21 -44.68 -7.79
CA GLY I 234 4.43 -44.08 -5.30
CA PHE I 235 3.95 -47.05 -3.00
CA TRP I 236 1.12 -48.28 -0.79
CA LEU I 237 1.08 -51.86 0.53
CA THR I 238 -2.29 -52.84 0.87
CA PRO I 239 -3.58 -53.02 -2.74
CA LEU I 240 -0.71 -55.36 -3.63
CA LEU I 241 -1.89 -57.99 -1.11
CA ARG I 242 -4.83 -58.66 -3.44
CA GLU I 243 -2.48 -59.93 -6.14
CA GLY I 244 -1.98 -63.64 -5.51
CA ALA I 245 0.81 -63.88 -8.07
CA LEU I 246 2.92 -61.13 -6.48
CA VAL I 247 2.43 -62.40 -2.95
CA GLU I 248 3.21 -66.03 -3.79
CA GLU I 249 6.41 -64.87 -5.51
CA ALA I 250 7.46 -62.68 -2.57
CA LEU I 251 6.70 -65.38 -0.02
CA GLY I 252 8.51 -67.92 -2.15
CA PHE I 253 11.59 -65.78 -1.64
CA LEU I 254 11.09 -64.52 1.91
CA LEU I 255 9.74 -67.57 3.79
CA PRO I 256 12.60 -69.98 3.10
CA ARG I 257 14.84 -67.26 4.55
CA LEU I 258 12.77 -66.33 7.60
CA GLY I 259 14.59 -67.25 10.78
CA ARG I 260 17.79 -67.80 8.83
CA GLU I 261 19.32 -64.99 6.81
CA LEU I 262 16.22 -62.86 7.43
CA ARG I 263 15.80 -61.99 11.10
CA PRO I 264 13.17 -59.32 11.87
CA VAL I 265 14.47 -56.83 14.44
CA VAL I 266 12.19 -56.60 17.48
CA GLY I 267 12.34 -53.27 19.29
CA PRO I 268 10.36 -52.08 22.33
CA VAL I 269 7.97 -54.80 23.49
CA PHE I 270 4.89 -53.61 25.38
CA PRO I 271 2.40 -55.65 27.43
CA PHE I 272 -1.23 -55.60 26.27
CA ALA I 273 -2.07 -53.18 29.09
CA GLU I 274 0.40 -50.59 27.74
CA ALA I 275 -1.12 -50.16 24.26
CA GLU I 276 -1.16 -46.35 24.43
CA ALA I 277 2.51 -46.38 25.37
CA ALA I 278 3.33 -48.63 22.39
CA PHE I 279 1.58 -46.22 20.01
CA ARG I 280 3.71 -43.35 21.34
CA ALA I 281 6.82 -45.47 20.81
CA LEU I 282 5.94 -45.35 17.11
CA LEU I 283 6.59 -41.61 17.38
CA ASP I 284 9.81 -41.92 19.34
CA ARG I 285 12.52 -41.64 16.69
CA GLY I 286 14.85 -42.98 19.36
CA HIS I 287 13.42 -46.51 19.27
CA THR I 288 14.96 -49.06 16.91
CA GLY I 289 13.31 -52.03 15.27
CA LYS I 290 9.64 -53.00 15.42
CA VAL I 291 7.26 -51.87 18.18
CA VAL I 292 5.43 -54.96 19.37
CA VAL I 293 2.55 -55.51 21.78
CA ARG I 294 2.69 -58.88 23.55
CA LEU I 295 -0.42 -60.49 25.04
CA MET J 1 34.83 -34.08 -38.40
CA ASN J 2 36.05 -33.31 -41.90
CA PHE J 3 39.72 -33.74 -40.99
CA GLU J 4 39.33 -37.35 -39.89
CA GLY J 5 42.23 -39.46 -41.13
CA LYS J 6 44.46 -36.44 -41.66
CA ILE J 7 47.64 -35.71 -39.71
CA ALA J 8 48.54 -32.09 -39.00
CA LEU J 9 51.86 -30.66 -37.79
CA VAL J 10 51.48 -27.24 -36.13
CA THR J 11 54.65 -25.46 -35.05
CA GLY J 12 54.59 -23.06 -32.09
CA ALA J 13 51.37 -24.52 -30.66
CA SER J 14 52.08 -23.51 -27.07
CA ARG J 15 49.81 -20.52 -26.84
CA GLY J 16 47.71 -18.03 -28.77
CA ILE J 17 47.16 -18.52 -32.48
CA GLY J 18 49.20 -21.70 -32.61
CA ARG J 19 47.17 -23.40 -29.90
CA ALA J 20 43.83 -22.20 -31.34
CA ILE J 21 44.85 -23.70 -34.67
CA ALA J 22 45.89 -26.98 -33.06
CA GLU J 23 42.68 -27.25 -31.01
CA THR J 24 40.48 -26.36 -34.00
CA LEU J 25 42.04 -28.97 -36.31
CA ALA J 26 41.81 -31.53 -33.50
CA ALA J 27 38.17 -30.64 -32.78
CA ARG J 28 37.45 -31.32 -36.44
CA GLY J 29 38.97 -34.80 -36.45
CA ALA J 30 42.65 -34.37 -37.30
CA LYS J 31 45.47 -36.06 -35.38
CA VAL J 32 47.53 -33.09 -34.29
CA ILE J 33 51.21 -32.80 -33.47
CA GLY J 34 51.96 -29.40 -31.95
CA THR J 35 55.54 -28.28 -31.29
CA ALA J 36 57.45 -26.14 -28.81
CA THR J 37 61.16 -25.29 -28.47
CA SER J 38 61.51 -26.89 -25.04
CA GLU J 39 60.64 -30.30 -23.59
CA ASN J 40 58.36 -28.91 -20.90
CA GLY J 41 56.58 -26.88 -23.59
CA ALA J 42 55.86 -30.00 -25.64
CA GLN J 43 54.38 -31.73 -22.62
CA ALA J 44 51.95 -28.86 -22.01
CA ILE J 45 50.82 -29.28 -25.63
CA SER J 46 50.46 -33.03 -25.03
CA ASP J 47 48.23 -32.30 -22.08
CA TYR J 48 45.72 -30.11 -23.90
CA LEU J 49 45.64 -32.25 -27.04
CA GLY J 50 44.83 -35.32 -24.99
CA ALA J 51 43.92 -38.29 -27.15
CA ASN J 52 43.73 -36.14 -30.32
CA GLY J 53 47.45 -35.66 -30.66
CA LYS J 54 50.82 -35.10 -29.05
CA GLY J 55 53.35 -32.36 -28.38
CA LEU J 56 56.94 -32.66 -29.55
CA MET J 57 59.99 -30.44 -29.11
CA LEU J 58 61.18 -29.02 -32.42
CA ASN J 59 63.89 -26.56 -33.28
CA VAL J 60 63.22 -25.38 -36.84
CA THR J 61 66.74 -23.90 -36.95
CA ASP J 62 68.16 -27.44 -36.66
CA PRO J 63 67.72 -29.68 -39.73
CA ALA J 64 68.58 -32.64 -37.46
CA SER J 65 65.66 -31.73 -35.19
CA ILE J 66 63.26 -31.54 -38.14
CA GLU J 67 63.99 -35.04 -39.41
CA SER J 68 63.97 -36.32 -35.82
CA VAL J 69 60.47 -34.95 -35.24
CA LEU J 70 59.18 -36.15 -38.61
CA GLU J 71 60.52 -39.61 -37.80
CA LYS J 72 58.69 -39.71 -34.45
CA ILE J 73 55.45 -38.62 -36.14
CA ARG J 74 55.82 -41.23 -38.87
CA ALA J 75 56.40 -43.89 -36.23
CA GLU J 76 53.30 -43.04 -34.18
CA PHE J 77 50.80 -41.57 -36.65
CA GLY J 78 52.02 -41.58 -40.22
CA GLU J 79 52.77 -38.99 -42.90
CA VAL J 80 52.04 -35.30 -42.40
CA ASP J 81 49.05 -34.17 -44.51
CA ILE J 82 48.77 -30.60 -43.15
CA LEU J 83 51.67 -28.31 -42.20
CA VAL J 84 51.02 -25.07 -40.36
CA ASN J 85 54.02 -22.80 -39.77
CA ASN J 86 53.10 -20.59 -36.87
CA ALA J 87 55.25 -17.54 -36.26
CA GLY J 88 56.40 -16.89 -32.72
CA ILE J 89 55.58 -13.78 -30.72
CA THR J 90 57.30 -10.86 -32.39
CA ARG J 91 59.07 -8.35 -30.21
CA ASP J 92 59.33 -5.19 -32.32
CA ASN J 93 62.48 -3.14 -32.91
CA LEU J 94 63.97 -0.70 -35.42
CA LEU J 95 65.78 -1.83 -38.58
CA MET J 96 68.78 0.50 -38.29
CA ARG J 97 69.20 -0.57 -34.68
CA MET J 98 69.02 -4.34 -35.10
CA LYS J 99 72.32 -6.33 -35.06
CA ASP J 100 73.39 -9.19 -37.36
CA GLU J 101 72.49 -11.47 -34.49
CA GLU J 102 68.76 -10.59 -34.47
CA TRP J 103 68.58 -10.16 -38.27
CA ASN J 104 70.04 -13.61 -38.85
CA ASP J 105 67.84 -15.17 -36.17
CA ILE J 106 64.67 -13.75 -37.72
CA ILE J 107 65.57 -14.89 -41.23
CA GLU J 108 66.55 -18.34 -39.93
CA THR J 109 63.41 -18.74 -37.81
CA ASN J 110 60.90 -16.94 -40.01
CA LEU J 111 62.01 -17.59 -43.59
CA SER J 112 64.57 -20.37 -44.04
CA SER J 113 62.80 -22.62 -41.54
CA VAL J 114 59.59 -22.62 -43.58
CA PHE J 115 61.70 -23.62 -46.57
CA ARG J 116 63.30 -26.49 -44.66
CA LEU J 117 60.03 -27.76 -43.21
CA SER J 118 58.09 -27.56 -46.48
CA LYS J 119 60.93 -29.44 -48.16
CA ALA J 120 60.85 -32.15 -45.50
CA VAL J 121 57.12 -32.89 -45.85
CA MET J 122 56.55 -32.45 -49.60
CA ARG J 123 57.44 -35.94 -50.83
CA ALA J 124 54.88 -37.72 -48.67
CA MET J 125 52.34 -35.09 -49.83
CA MET J 126 53.14 -35.66 -53.49
CA LYS J 127 52.89 -39.45 -53.30
CA LYS J 128 49.38 -38.94 -51.91
CA ARG J 129 48.57 -36.24 -54.45
CA HIS J 130 47.28 -34.26 -51.50
CA GLY J 131 48.69 -31.69 -49.12
CA ARG J 132 48.27 -28.39 -47.33
CA ILE J 133 50.97 -25.95 -46.29
CA ILE J 134 49.81 -22.85 -44.46
CA THR J 135 52.12 -20.24 -43.00
CA ILE J 136 50.93 -17.71 -40.42
CA GLY J 137 52.36 -14.23 -40.70
CA GLY J 138 56.81 -0.71 -36.27
CA GLN J 139 57.32 -4.44 -36.86
CA ALA J 140 60.06 -3.52 -39.30
CA ASN J 141 62.56 -6.08 -38.03
CA TYR J 142 60.18 -8.82 -39.25
CA ALA J 143 59.23 -7.10 -42.55
CA ALA J 144 61.91 -8.61 -44.87
CA ALA J 145 61.41 -12.13 -43.72
CA LYS J 146 57.64 -11.62 -43.97
CA ALA J 147 57.74 -10.45 -47.58
CA GLY J 148 60.22 -13.18 -48.51
CA LEU J 149 57.90 -15.71 -46.95
CA ILE J 150 54.98 -14.62 -49.12
CA GLY J 151 57.20 -14.64 -52.19
CA PHE J 152 58.43 -18.13 -51.36
CA SER J 153 54.88 -19.42 -50.85
CA LYS J 154 53.55 -18.05 -54.12
CA SER J 155 56.49 -19.58 -55.91
CA LEU J 156 56.21 -22.95 -54.18
CA ALA J 157 52.46 -22.92 -54.72
CA ARG J 158 53.06 -22.68 -58.45
CA GLU J 159 55.51 -25.57 -58.35
CA VAL J 160 53.44 -28.15 -56.45
CA ALA J 161 49.90 -27.21 -57.49
CA SER J 162 49.56 -29.97 -60.08
CA ARG J 163 50.33 -32.52 -57.37
CA GLY J 164 47.29 -31.57 -55.27
CA ILE J 165 49.14 -29.51 -52.72
CA THR J 166 48.08 -25.98 -51.86
CA VAL J 167 50.41 -23.45 -50.23
CA ASN J 168 48.84 -20.41 -48.62
CA VAL J 169 49.54 -17.64 -46.13
CA VAL J 170 47.29 -16.25 -43.43
CA ALA J 171 48.24 -12.68 -42.43
CA PRO J 172 46.66 -11.73 -39.08
CA GLY J 173 46.31 -8.11 -38.03
CA PHE J 174 45.92 -6.87 -34.46
CA ILE J 175 45.14 -9.86 -32.28
CA GLU J 176 44.18 -10.00 -28.59
CA THR J 177 47.20 -11.38 -26.71
CA SER J 178 46.79 0.47 -21.10
CA ASP J 179 43.61 2.00 -22.55
CA ASP J 180 45.05 5.18 -24.08
CA GLN J 181 47.47 2.98 -26.01
CA ARG J 182 44.50 0.68 -26.63
CA ALA J 183 42.55 3.42 -28.40
CA GLY J 184 45.67 4.19 -30.43
CA ILE J 185 45.69 0.65 -31.78
CA LEU J 186 41.93 0.36 -32.18
CA ALA J 187 41.93 3.62 -34.15
CA GLN J 188 43.94 1.84 -36.83
CA VAL J 189 41.25 -0.82 -37.21
CA PRO J 190 38.07 0.00 -39.19
CA ALA J 191 36.21 -2.75 -37.37
CA GLY J 192 37.13 -1.08 -34.08
CA ARG J 193 38.21 -4.21 -32.13
CA LEU J 194 41.06 -6.70 -31.89
CA GLY J 195 40.69 -10.10 -33.52
CA GLY J 196 40.57 -13.32 -31.56
CA ALA J 197 43.13 -16.09 -31.93
CA GLN J 198 40.19 -18.32 -32.90
CA GLU J 199 39.43 -16.10 -35.90
CA ILE J 200 42.85 -16.83 -37.40
CA ALA J 201 42.27 -20.53 -36.61
CA ASN J 202 38.93 -20.52 -38.47
CA ALA J 203 40.66 -19.16 -41.59
CA VAL J 204 43.43 -21.74 -41.32
CA ALA J 205 40.91 -24.55 -40.83
CA PHE J 206 39.10 -23.39 -43.98
CA LEU J 207 42.26 -23.32 -46.14
CA ALA J 208 43.33 -26.73 -44.83
CA SER J 209 40.01 -28.35 -45.77
CA ASP J 210 38.86 -29.82 -49.10
CA GLU J 211 36.68 -26.80 -49.80
CA ALA J 212 39.75 -24.69 -50.54
CA ALA J 213 41.34 -27.23 -52.88
CA TYR J 214 41.37 -24.62 -55.63
CA ILE J 215 42.87 -21.86 -53.48
CA THR J 216 46.67 -21.68 -53.61
CA GLY J 217 49.40 -19.06 -53.59
CA GLU J 218 46.97 -16.78 -51.79
CA THR J 219 47.57 -14.50 -48.80
CA LEU J 220 44.39 -14.35 -46.70
CA HIS J 221 44.37 -11.24 -44.51
CA VAL J 222 42.37 -11.43 -41.29
CA ASN J 223 42.84 -7.91 -40.03
CA GLY J 224 39.41 -6.30 -39.74
CA GLY J 225 39.97 -3.87 -42.59
CA MET J 226 43.29 -2.56 -41.29
#